data_6SRX
#
_entry.id   6SRX
#
_cell.length_a   62.732
_cell.length_b   122.670
_cell.length_c   63.985
_cell.angle_alpha   90.000
_cell.angle_beta   114.891
_cell.angle_gamma   90.000
#
_symmetry.space_group_name_H-M   'P 1 21 1'
#
loop_
_entity.id
_entity.type
_entity.pdbx_description
1 polymer 'Fab C0021158 heavy chain (IgG1)'
2 polymer 'Fab C0021158 light chain (IgG1)'
3 non-polymer 'ACETATE ION'
4 non-polymer 'CHLORIDE ION'
5 water water
#
loop_
_entity_poly.entity_id
_entity_poly.type
_entity_poly.pdbx_seq_one_letter_code
_entity_poly.pdbx_strand_id
1 'polypeptide(L)'
;GAHSEVQLLESGGGLVQPGGSLRLSCAASGFTFRYEVAAWVRQAPGKGLEWVSAISGPIPKGYYADSVKGRFTISRDNSK
NTLYLQMNSLRAEDTAVYYCARLRADLGLYMDLWGRGTLVTVSSASTKGPSVFPLAPSSKSTSGGTAALGCLVKDYFPEP
VTVSWNSGALTSGVHTFPAVLQSSGLYSLSSVVTVPSSSLGTQTYICNVNHKPSNTKVDKRVEPKSCDKTHAA
;
HHH,III
2 'polypeptide(L)'
;GVHSQSVLTQPPSVSAAPGQKVTISCSGSSSNIGNHYVSWYQQLPGTAPKLLIYDNSERTAGVPDRFSGSKSGTSATLGI
TGLQTGDEADYYCGTWDELTSNLVFGGGTKLTVLGQPKAAPSVTLFPPSSEELQANKATLVCLISDFYPGAVTVAWKADS
SPVKAGVETTTPSKQSNNKYAASSYLSLTPEQWKSHRSYSCQVTHEGSTVEKTVAPTECS
;
LLL,MMM
#
loop_
_chem_comp.id
_chem_comp.type
_chem_comp.name
_chem_comp.formula
ACT non-polymer 'ACETATE ION' 'C2 H3 O2 -1'
CL non-polymer 'CHLORIDE ION' 'Cl -1'
#
# COMPACT_ATOMS: atom_id res chain seq x y z
N GLU A 5 2.87 -21.92 -0.62
CA GLU A 5 1.81 -21.69 -1.64
C GLU A 5 1.28 -20.26 -1.46
N VAL A 6 1.43 -19.42 -2.49
CA VAL A 6 0.90 -18.02 -2.46
C VAL A 6 -0.63 -18.12 -2.63
N GLN A 7 -1.40 -17.80 -1.61
CA GLN A 7 -2.89 -17.95 -1.66
C GLN A 7 -3.59 -16.99 -0.70
N LEU A 8 -4.89 -16.82 -0.94
CA LEU A 8 -5.83 -16.03 -0.10
C LEU A 8 -6.88 -16.99 0.46
N LEU A 9 -6.89 -17.20 1.78
CA LEU A 9 -7.78 -18.16 2.48
C LEU A 9 -9.06 -17.46 2.92
N GLU A 10 -10.19 -17.79 2.28
CA GLU A 10 -11.51 -17.15 2.57
C GLU A 10 -12.25 -18.01 3.58
N SER A 11 -13.09 -17.38 4.40
CA SER A 11 -14.06 -18.02 5.31
C SER A 11 -15.16 -17.01 5.68
N GLY A 12 -16.21 -17.50 6.36
CA GLY A 12 -17.32 -16.70 6.90
C GLY A 12 -18.53 -16.67 5.96
N GLY A 13 -18.49 -17.41 4.85
CA GLY A 13 -19.63 -17.55 3.91
C GLY A 13 -20.71 -18.43 4.51
N GLY A 14 -21.71 -18.79 3.70
CA GLY A 14 -22.76 -19.76 4.11
C GLY A 14 -24.15 -19.20 3.92
N LEU A 15 -25.11 -19.84 4.58
CA LEU A 15 -26.57 -19.60 4.43
C LEU A 15 -26.99 -18.60 5.51
N VAL A 16 -27.73 -17.56 5.11
CA VAL A 16 -28.27 -16.55 6.05
C VAL A 16 -29.71 -16.21 5.62
N GLN A 17 -30.58 -15.92 6.59
CA GLN A 17 -31.97 -15.44 6.37
C GLN A 17 -31.92 -14.05 5.73
N PRO A 18 -32.91 -13.68 4.89
CA PRO A 18 -32.99 -12.32 4.37
C PRO A 18 -32.94 -11.35 5.56
N GLY A 19 -32.14 -10.28 5.44
CA GLY A 19 -32.00 -9.23 6.47
C GLY A 19 -30.85 -9.55 7.42
N GLY A 20 -30.23 -10.72 7.27
CA GLY A 20 -29.18 -11.22 8.18
C GLY A 20 -27.82 -10.63 7.90
N SER A 21 -26.79 -11.14 8.59
CA SER A 21 -25.40 -10.62 8.59
C SER A 21 -24.43 -11.78 8.40
N LEU A 22 -23.39 -11.54 7.60
CA LEU A 22 -22.16 -12.40 7.53
C LEU A 22 -20.94 -11.50 7.59
N ARG A 23 -19.83 -12.03 8.09
CA ARG A 23 -18.50 -11.39 8.02
C ARG A 23 -17.59 -12.31 7.22
N LEU A 24 -17.19 -11.91 6.00
CA LEU A 24 -16.20 -12.66 5.19
C LEU A 24 -14.81 -12.29 5.69
N SER A 25 -13.89 -13.25 5.68
CA SER A 25 -12.46 -13.08 6.02
C SER A 25 -11.62 -13.57 4.84
N CYS A 26 -10.50 -12.92 4.64
CA CYS A 26 -9.52 -13.23 3.58
C CYS A 26 -8.12 -13.08 4.17
N ALA A 27 -7.49 -14.19 4.54
CA ALA A 27 -6.15 -14.23 5.18
C ALA A 27 -5.09 -14.48 4.12
N ALA A 28 -4.15 -13.55 3.97
CA ALA A 28 -2.98 -13.66 3.08
C ALA A 28 -2.12 -14.83 3.56
N SER A 29 -1.60 -15.64 2.63
CA SER A 29 -0.68 -16.76 2.93
C SER A 29 0.45 -16.80 1.90
N GLY A 30 1.70 -16.69 2.35
CA GLY A 30 2.91 -17.01 1.56
C GLY A 30 3.53 -15.77 0.93
N PHE A 31 3.21 -14.57 1.42
CA PHE A 31 3.82 -13.30 0.94
C PHE A 31 3.70 -12.22 2.02
N THR A 32 4.55 -11.20 1.94
CA THR A 32 4.67 -10.13 2.98
C THR A 32 3.67 -9.02 2.67
N PHE A 33 3.27 -8.26 3.69
CA PHE A 33 2.21 -7.22 3.65
C PHE A 33 2.67 -6.01 2.81
N ARG A 34 1.83 -5.64 1.82
CA ARG A 34 2.04 -4.52 0.87
C ARG A 34 0.70 -3.81 0.56
N TYR A 35 -0.31 -3.90 1.43
CA TYR A 35 -1.61 -3.19 1.33
C TYR A 35 -2.39 -3.65 0.08
N GLU A 36 -2.12 -4.86 -0.44
CA GLU A 36 -2.70 -5.30 -1.74
C GLU A 36 -3.85 -6.31 -1.57
N VAL A 37 -4.01 -6.93 -0.40
CA VAL A 37 -5.18 -7.80 -0.13
C VAL A 37 -6.34 -6.87 0.22
N ALA A 38 -7.05 -6.42 -0.81
CA ALA A 38 -7.72 -5.11 -0.79
C ALA A 38 -9.03 -5.07 -1.58
N ALA A 39 -9.43 -6.14 -2.27
CA ALA A 39 -10.65 -6.11 -3.12
C ALA A 39 -11.56 -7.31 -2.84
N TRP A 40 -12.87 -7.09 -2.95
CA TRP A 40 -13.92 -8.13 -2.96
C TRP A 40 -14.68 -8.03 -4.29
N VAL A 41 -14.82 -9.17 -4.97
CA VAL A 41 -15.56 -9.35 -6.25
C VAL A 41 -16.51 -10.53 -6.06
N ARG A 42 -17.71 -10.44 -6.61
CA ARG A 42 -18.75 -11.51 -6.49
C ARG A 42 -19.27 -11.90 -7.88
N GLN A 43 -19.92 -13.05 -7.94
CA GLN A 43 -20.43 -13.64 -9.20
C GLN A 43 -21.66 -14.49 -8.86
N ALA A 44 -22.83 -13.99 -9.25
CA ALA A 44 -24.11 -14.74 -9.17
C ALA A 44 -24.00 -15.95 -10.09
N PRO A 45 -24.68 -17.08 -9.79
CA PRO A 45 -24.62 -18.24 -10.66
C PRO A 45 -25.11 -17.82 -12.06
N GLY A 46 -24.31 -18.12 -13.10
CA GLY A 46 -24.61 -17.85 -14.52
C GLY A 46 -24.12 -16.50 -14.99
N LYS A 47 -23.81 -15.57 -14.08
CA LYS A 47 -23.66 -14.12 -14.39
C LYS A 47 -22.19 -13.71 -14.39
N GLY A 48 -21.93 -12.43 -14.64
CA GLY A 48 -20.57 -11.87 -14.78
C GLY A 48 -19.93 -11.57 -13.44
N LEU A 49 -18.68 -11.12 -13.47
CA LEU A 49 -17.94 -10.62 -12.29
C LEU A 49 -18.51 -9.24 -11.93
N GLU A 50 -18.83 -9.02 -10.66
CA GLU A 50 -19.28 -7.72 -10.12
C GLU A 50 -18.35 -7.31 -8.96
N TRP A 51 -17.56 -6.26 -9.16
CA TRP A 51 -16.74 -5.67 -8.09
C TRP A 51 -17.66 -5.14 -7.00
N VAL A 52 -17.32 -5.39 -5.74
CA VAL A 52 -18.19 -5.08 -4.57
C VAL A 52 -17.55 -3.94 -3.78
N SER A 53 -16.26 -4.06 -3.46
CA SER A 53 -15.59 -3.18 -2.47
C SER A 53 -14.07 -3.28 -2.62
N ALA A 54 -13.36 -2.19 -2.28
CA ALA A 54 -11.88 -2.16 -2.17
C ALA A 54 -11.48 -1.28 -0.99
N ILE A 55 -10.25 -1.47 -0.49
CA ILE A 55 -9.68 -0.64 0.60
C ILE A 55 -8.30 -0.13 0.15
N SER A 56 -8.00 1.10 0.55
CA SER A 56 -6.73 1.79 0.26
C SER A 56 -5.90 1.87 1.54
N GLY A 57 -4.62 2.19 1.39
CA GLY A 57 -3.68 2.46 2.50
C GLY A 57 -2.49 3.26 1.99
N PRO A 58 -1.53 3.64 2.86
CA PRO A 58 -1.61 3.37 4.29
C PRO A 58 -2.78 4.03 5.03
N ILE A 59 -3.18 5.24 4.61
CA ILE A 59 -4.40 5.91 5.15
C ILE A 59 -5.60 5.06 4.72
N PRO A 60 -6.38 4.48 5.66
CA PRO A 60 -7.53 3.65 5.30
C PRO A 60 -8.62 4.47 4.63
N LYS A 61 -9.17 3.93 3.54
CA LYS A 61 -10.39 4.41 2.85
C LYS A 61 -11.08 3.22 2.18
N GLY A 62 -12.40 3.12 2.36
CA GLY A 62 -13.24 2.09 1.70
C GLY A 62 -13.89 2.65 0.47
N TYR A 63 -13.97 1.84 -0.58
CA TYR A 63 -14.76 2.09 -1.82
C TYR A 63 -15.81 0.98 -1.95
N TYR A 64 -17.02 1.33 -2.43
CA TYR A 64 -18.18 0.42 -2.49
C TYR A 64 -18.96 0.63 -3.78
N ALA A 65 -19.45 -0.47 -4.35
CA ALA A 65 -20.47 -0.48 -5.42
C ALA A 65 -21.75 0.16 -4.85
N ASP A 66 -22.51 0.86 -5.69
CA ASP A 66 -23.78 1.51 -5.32
C ASP A 66 -24.70 0.48 -4.64
N SER A 67 -24.73 -0.75 -5.17
CA SER A 67 -25.65 -1.83 -4.71
C SER A 67 -25.41 -2.20 -3.24
N VAL A 68 -24.22 -1.95 -2.69
CA VAL A 68 -23.88 -2.43 -1.31
C VAL A 68 -23.59 -1.25 -0.38
N LYS A 69 -23.47 -0.03 -0.90
CA LYS A 69 -23.12 1.17 -0.09
C LYS A 69 -24.07 1.26 1.10
N GLY A 70 -23.51 1.38 2.32
CA GLY A 70 -24.26 1.56 3.57
C GLY A 70 -24.57 0.24 4.27
N ARG A 71 -24.52 -0.88 3.55
CA ARG A 71 -24.88 -2.22 4.06
C ARG A 71 -23.60 -3.03 4.33
N PHE A 72 -22.57 -2.86 3.50
CA PHE A 72 -21.26 -3.56 3.58
C PHE A 72 -20.19 -2.60 4.09
N THR A 73 -19.23 -3.15 4.84
CA THR A 73 -18.07 -2.41 5.38
C THR A 73 -16.83 -3.26 5.17
N ILE A 74 -15.86 -2.72 4.42
CA ILE A 74 -14.52 -3.32 4.18
C ILE A 74 -13.59 -2.82 5.29
N SER A 75 -12.73 -3.70 5.77
CA SER A 75 -11.68 -3.37 6.76
C SER A 75 -10.55 -4.37 6.57
N ARG A 76 -9.39 -4.12 7.19
CA ARG A 76 -8.27 -5.09 7.14
C ARG A 76 -7.48 -4.93 8.42
N ASP A 77 -7.14 -6.05 9.06
CA ASP A 77 -6.11 -6.12 10.13
C ASP A 77 -4.75 -6.22 9.43
N ASN A 78 -4.04 -5.10 9.32
CA ASN A 78 -2.76 -4.99 8.59
C ASN A 78 -1.75 -5.97 9.21
N SER A 79 -1.74 -6.08 10.55
CA SER A 79 -0.74 -6.86 11.31
C SER A 79 -0.97 -8.36 11.11
N LYS A 80 -2.18 -8.77 10.72
CA LYS A 80 -2.54 -10.19 10.47
C LYS A 80 -2.83 -10.40 8.98
N ASN A 81 -2.53 -9.39 8.15
CA ASN A 81 -2.89 -9.28 6.71
C ASN A 81 -4.16 -10.10 6.45
N THR A 82 -5.27 -9.70 7.09
CA THR A 82 -6.60 -10.32 6.94
C THR A 82 -7.58 -9.23 6.53
N LEU A 83 -8.17 -9.37 5.34
CA LEU A 83 -9.20 -8.45 4.79
C LEU A 83 -10.58 -8.98 5.21
N TYR A 84 -11.48 -8.07 5.63
CA TYR A 84 -12.83 -8.42 6.10
C TYR A 84 -13.88 -7.73 5.23
N LEU A 85 -15.04 -8.36 5.08
CA LEU A 85 -16.25 -7.72 4.51
C LEU A 85 -17.42 -8.01 5.46
N GLN A 86 -17.78 -7.03 6.28
CA GLN A 86 -18.99 -7.09 7.15
C GLN A 86 -20.19 -6.84 6.24
N MET A 87 -21.10 -7.79 6.14
CA MET A 87 -22.30 -7.69 5.27
C MET A 87 -23.54 -7.72 6.16
N ASN A 88 -24.19 -6.57 6.34
CA ASN A 88 -25.45 -6.42 7.10
C ASN A 88 -26.61 -6.25 6.12
N SER A 89 -27.85 -6.47 6.57
CA SER A 89 -29.08 -6.33 5.77
C SER A 89 -28.89 -7.03 4.43
N LEU A 90 -28.53 -8.32 4.46
CA LEU A 90 -28.29 -9.11 3.23
C LEU A 90 -29.62 -9.34 2.50
N ARG A 91 -29.60 -9.15 1.17
CA ARG A 91 -30.78 -9.27 0.28
C ARG A 91 -30.62 -10.53 -0.55
N ALA A 92 -31.74 -11.09 -1.04
CA ALA A 92 -31.79 -12.24 -1.97
C ALA A 92 -30.74 -12.08 -3.07
N GLU A 93 -30.65 -10.89 -3.69
CA GLU A 93 -29.75 -10.64 -4.86
C GLU A 93 -28.28 -10.51 -4.45
N ASP A 94 -27.94 -10.60 -3.16
CA ASP A 94 -26.53 -10.65 -2.70
C ASP A 94 -26.01 -12.10 -2.80
N THR A 95 -26.89 -13.06 -3.11
CA THR A 95 -26.52 -14.48 -3.28
C THR A 95 -25.49 -14.56 -4.41
N ALA A 96 -24.31 -15.10 -4.14
CA ALA A 96 -23.19 -15.11 -5.09
C ALA A 96 -22.01 -15.85 -4.47
N VAL A 97 -21.05 -16.25 -5.31
CA VAL A 97 -19.67 -16.60 -4.85
C VAL A 97 -18.93 -15.28 -4.64
N TYR A 98 -18.36 -15.08 -3.45
CA TYR A 98 -17.54 -13.90 -3.10
C TYR A 98 -16.07 -14.30 -3.12
N TYR A 99 -15.31 -13.64 -4.00
CA TYR A 99 -13.84 -13.76 -4.12
C TYR A 99 -13.22 -12.53 -3.45
N CYS A 100 -12.19 -12.74 -2.64
CA CYS A 100 -11.22 -11.66 -2.35
C CYS A 100 -10.12 -11.78 -3.40
N ALA A 101 -9.50 -10.65 -3.71
CA ALA A 101 -8.45 -10.54 -4.74
C ALA A 101 -7.37 -9.58 -4.23
N ARG A 102 -6.14 -9.89 -4.59
CA ARG A 102 -4.99 -9.00 -4.38
C ARG A 102 -5.05 -7.94 -5.48
N LEU A 103 -5.34 -6.70 -5.09
CA LEU A 103 -5.40 -5.52 -5.99
C LEU A 103 -4.04 -4.84 -5.98
N ARG A 104 -3.46 -4.62 -7.15
CA ARG A 104 -2.12 -4.00 -7.29
C ARG A 104 -2.17 -2.87 -8.31
N ALA A 105 -1.19 -1.98 -8.24
CA ALA A 105 -1.00 -0.86 -9.19
C ALA A 105 0.48 -0.81 -9.60
N ASP A 106 0.73 -0.99 -10.89
CA ASP A 106 2.03 -0.68 -11.54
C ASP A 106 1.81 0.64 -12.28
N LEU A 107 1.60 0.60 -13.61
CA LEU A 107 1.08 1.73 -14.39
C LEU A 107 -0.40 1.92 -14.04
N GLY A 108 -1.17 0.83 -14.00
CA GLY A 108 -2.60 0.85 -13.63
C GLY A 108 -2.95 -0.22 -12.63
N LEU A 109 -4.25 -0.45 -12.42
CA LEU A 109 -4.81 -1.40 -11.42
C LEU A 109 -5.03 -2.77 -12.04
N TYR A 110 -4.77 -3.83 -11.28
CA TYR A 110 -4.99 -5.23 -11.71
C TYR A 110 -5.13 -6.13 -10.48
N MET A 111 -5.83 -7.24 -10.64
CA MET A 111 -6.04 -8.22 -9.55
C MET A 111 -5.34 -9.53 -9.95
N ASP A 112 -4.16 -9.79 -9.38
CA ASP A 112 -3.20 -10.81 -9.89
C ASP A 112 -3.33 -12.13 -9.13
N LEU A 113 -4.12 -12.16 -8.04
CA LEU A 113 -4.31 -13.34 -7.16
C LEU A 113 -5.72 -13.30 -6.58
N TRP A 114 -6.44 -14.42 -6.71
CA TRP A 114 -7.85 -14.57 -6.27
C TRP A 114 -7.97 -15.73 -5.29
N GLY A 115 -8.74 -15.57 -4.23
CA GLY A 115 -9.19 -16.68 -3.36
C GLY A 115 -10.08 -17.62 -4.13
N ARG A 116 -10.37 -18.80 -3.59
CA ARG A 116 -11.12 -19.87 -4.32
C ARG A 116 -12.61 -19.50 -4.35
N GLY A 117 -13.04 -18.56 -3.51
CA GLY A 117 -14.43 -18.09 -3.44
C GLY A 117 -15.16 -18.78 -2.31
N THR A 118 -16.14 -18.11 -1.73
CA THR A 118 -17.01 -18.66 -0.66
C THR A 118 -18.45 -18.33 -1.05
N LEU A 119 -19.34 -19.32 -1.01
CA LEU A 119 -20.75 -19.16 -1.44
C LEU A 119 -21.52 -18.47 -0.32
N VAL A 120 -22.11 -17.32 -0.62
CA VAL A 120 -23.08 -16.64 0.28
C VAL A 120 -24.48 -16.88 -0.31
N THR A 121 -25.35 -17.54 0.45
CA THR A 121 -26.75 -17.82 0.06
C THR A 121 -27.67 -17.03 1.00
N VAL A 122 -28.51 -16.16 0.43
CA VAL A 122 -29.50 -15.35 1.17
C VAL A 122 -30.89 -15.87 0.79
N SER A 123 -31.54 -16.58 1.72
CA SER A 123 -32.76 -17.38 1.48
C SER A 123 -33.51 -17.57 2.80
N SER A 124 -34.84 -17.58 2.75
CA SER A 124 -35.72 -17.90 3.91
C SER A 124 -35.80 -19.43 4.10
N ALA A 125 -35.52 -20.21 3.05
CA ALA A 125 -35.45 -21.69 3.11
C ALA A 125 -34.27 -22.07 4.01
N SER A 126 -34.47 -23.01 4.94
CA SER A 126 -33.38 -23.50 5.83
C SER A 126 -32.64 -24.63 5.12
N THR A 127 -31.42 -24.93 5.59
CA THR A 127 -30.54 -25.98 5.03
C THR A 127 -31.32 -27.30 5.09
N LYS A 128 -31.06 -28.19 4.15
CA LYS A 128 -31.64 -29.56 4.15
C LYS A 128 -30.55 -30.55 3.69
N GLY A 129 -30.30 -31.57 4.50
CA GLY A 129 -29.33 -32.63 4.17
C GLY A 129 -29.90 -33.59 3.13
N PRO A 130 -29.05 -34.21 2.28
CA PRO A 130 -29.53 -35.07 1.22
C PRO A 130 -30.05 -36.41 1.77
N SER A 131 -31.01 -37.02 1.07
CA SER A 131 -31.28 -38.48 1.10
C SER A 131 -30.30 -39.12 0.12
N VAL A 132 -29.66 -40.21 0.52
CA VAL A 132 -28.66 -40.90 -0.34
C VAL A 132 -29.21 -42.29 -0.66
N PHE A 133 -29.40 -42.57 -1.95
CA PHE A 133 -29.98 -43.84 -2.45
C PHE A 133 -28.93 -44.55 -3.28
N PRO A 134 -28.79 -45.88 -3.13
CA PRO A 134 -27.88 -46.66 -3.96
C PRO A 134 -28.47 -46.80 -5.36
N LEU A 135 -27.67 -46.56 -6.40
CA LEU A 135 -27.96 -46.95 -7.79
C LEU A 135 -27.26 -48.29 -8.03
N ALA A 136 -28.00 -49.38 -7.87
CA ALA A 136 -27.48 -50.76 -7.87
C ALA A 136 -26.96 -51.10 -9.26
N PRO A 137 -25.86 -51.89 -9.38
CA PRO A 137 -25.44 -52.42 -10.67
C PRO A 137 -26.51 -53.39 -11.19
N SER A 138 -26.89 -53.23 -12.46
CA SER A 138 -28.02 -53.95 -13.12
C SER A 138 -27.56 -55.34 -13.58
N SER A 139 -28.48 -56.31 -13.54
CA SER A 139 -28.24 -57.75 -13.85
C SER A 139 -28.11 -57.99 -15.36
N LYS A 140 -28.42 -56.97 -16.18
CA LYS A 140 -28.38 -57.04 -17.66
C LYS A 140 -27.47 -55.90 -18.17
N SER A 141 -27.66 -54.68 -17.67
CA SER A 141 -26.90 -53.45 -18.02
C SER A 141 -25.41 -53.56 -17.64
N THR A 142 -25.00 -54.67 -17.00
CA THR A 142 -23.57 -55.11 -16.86
C THR A 142 -22.95 -55.18 -18.26
N SER A 143 -22.25 -54.12 -18.67
CA SER A 143 -21.64 -53.95 -20.01
C SER A 143 -20.49 -54.96 -20.20
N GLY A 144 -20.84 -56.25 -20.30
CA GLY A 144 -19.90 -57.39 -20.44
C GLY A 144 -19.03 -57.58 -19.21
N GLY A 145 -17.83 -56.98 -19.20
CA GLY A 145 -16.85 -57.09 -18.12
C GLY A 145 -16.85 -55.89 -17.19
N THR A 146 -17.79 -54.96 -17.34
CA THR A 146 -17.95 -53.79 -16.44
C THR A 146 -19.41 -53.61 -16.05
N ALA A 147 -19.65 -52.98 -14.91
CA ALA A 147 -20.99 -52.57 -14.43
C ALA A 147 -20.92 -51.11 -14.02
N ALA A 148 -22.03 -50.37 -14.19
CA ALA A 148 -22.22 -49.02 -13.61
C ALA A 148 -22.97 -49.18 -12.29
N LEU A 149 -22.44 -48.60 -11.23
CA LEU A 149 -23.18 -48.42 -9.95
C LEU A 149 -22.92 -47.01 -9.47
N GLY A 150 -23.74 -46.52 -8.55
CA GLY A 150 -23.59 -45.14 -8.10
C GLY A 150 -24.45 -44.87 -6.90
N CYS A 151 -24.52 -43.60 -6.50
N CYS A 151 -24.51 -43.60 -6.48
CA CYS A 151 -25.39 -43.08 -5.42
CA CYS A 151 -25.44 -43.13 -5.43
C CYS A 151 -26.13 -41.85 -5.92
C CYS A 151 -26.13 -41.86 -5.91
N LEU A 152 -27.45 -41.81 -5.68
CA LEU A 152 -28.31 -40.64 -5.95
C LEU A 152 -28.31 -39.79 -4.68
N VAL A 153 -27.86 -38.54 -4.76
CA VAL A 153 -27.78 -37.62 -3.61
C VAL A 153 -28.90 -36.60 -3.80
N LYS A 154 -30.02 -36.82 -3.10
CA LYS A 154 -31.34 -36.26 -3.46
C LYS A 154 -31.77 -35.19 -2.45
N ASP A 155 -32.26 -34.07 -2.93
CA ASP A 155 -33.08 -33.11 -2.13
C ASP A 155 -32.23 -32.50 -1.02
N TYR A 156 -31.18 -31.75 -1.38
CA TYR A 156 -30.35 -31.00 -0.41
C TYR A 156 -30.36 -29.52 -0.78
N PHE A 157 -30.08 -28.67 0.20
CA PHE A 157 -29.90 -27.21 0.01
C PHE A 157 -29.07 -26.64 1.16
N PRO A 158 -28.14 -25.69 0.90
CA PRO A 158 -27.73 -25.32 -0.45
C PRO A 158 -26.57 -26.20 -0.94
N GLU A 159 -25.93 -25.83 -2.05
CA GLU A 159 -24.61 -26.35 -2.47
C GLU A 159 -23.58 -25.92 -1.43
N PRO A 160 -22.42 -26.60 -1.29
CA PRO A 160 -22.08 -27.80 -2.05
C PRO A 160 -22.26 -29.12 -1.29
N VAL A 161 -22.04 -30.23 -1.98
CA VAL A 161 -22.00 -31.59 -1.38
C VAL A 161 -20.72 -32.26 -1.89
N THR A 162 -20.08 -33.11 -1.11
CA THR A 162 -18.90 -33.90 -1.57
C THR A 162 -19.25 -35.38 -1.55
N VAL A 163 -18.79 -36.10 -2.56
CA VAL A 163 -18.95 -37.58 -2.68
C VAL A 163 -17.57 -38.18 -2.93
N SER A 164 -17.19 -39.15 -2.11
CA SER A 164 -16.03 -40.04 -2.35
C SER A 164 -16.54 -41.48 -2.36
N TRP A 165 -15.69 -42.42 -2.76
CA TRP A 165 -16.01 -43.87 -2.75
C TRP A 165 -14.96 -44.62 -1.92
N ASN A 166 -15.43 -45.54 -1.06
CA ASN A 166 -14.58 -46.46 -0.26
C ASN A 166 -13.54 -45.61 0.50
N SER A 167 -14.01 -44.52 1.09
CA SER A 167 -13.22 -43.60 1.97
C SER A 167 -11.97 -43.11 1.23
N GLY A 168 -12.13 -42.73 -0.04
CA GLY A 168 -11.07 -42.10 -0.86
C GLY A 168 -10.23 -43.12 -1.62
N ALA A 169 -10.39 -44.41 -1.33
CA ALA A 169 -9.62 -45.52 -1.93
C ALA A 169 -9.93 -45.63 -3.44
N LEU A 170 -11.17 -45.35 -3.84
CA LEU A 170 -11.66 -45.59 -5.23
C LEU A 170 -11.82 -44.24 -5.94
N THR A 171 -11.00 -44.01 -6.97
CA THR A 171 -10.97 -42.75 -7.78
C THR A 171 -11.10 -43.04 -9.28
N SER A 172 -10.56 -44.16 -9.76
CA SER A 172 -10.65 -44.59 -11.18
C SER A 172 -12.09 -45.03 -11.49
N GLY A 173 -12.64 -44.57 -12.62
CA GLY A 173 -14.00 -44.92 -13.08
C GLY A 173 -15.07 -44.03 -12.48
N VAL A 174 -14.71 -43.15 -11.52
CA VAL A 174 -15.66 -42.31 -10.74
C VAL A 174 -15.99 -41.08 -11.59
N HIS A 175 -17.29 -40.79 -11.75
N HIS A 175 -17.28 -40.81 -11.75
CA HIS A 175 -17.83 -39.58 -12.41
CA HIS A 175 -17.83 -39.59 -12.41
C HIS A 175 -18.99 -39.07 -11.54
C HIS A 175 -18.98 -39.06 -11.54
N THR A 176 -18.77 -37.93 -10.88
CA THR A 176 -19.79 -37.19 -10.09
C THR A 176 -20.34 -36.09 -11.01
N PHE A 177 -21.63 -36.16 -11.33
CA PHE A 177 -22.30 -35.23 -12.28
C PHE A 177 -22.64 -33.93 -11.56
N PRO A 178 -22.53 -32.75 -12.22
CA PRO A 178 -23.04 -31.51 -11.66
C PRO A 178 -24.50 -31.67 -11.23
N ALA A 179 -24.90 -30.98 -10.17
CA ALA A 179 -26.24 -31.07 -9.56
C ALA A 179 -27.28 -30.45 -10.48
N VAL A 180 -28.50 -30.98 -10.45
CA VAL A 180 -29.70 -30.33 -11.05
C VAL A 180 -30.36 -29.53 -9.93
N LEU A 181 -30.80 -28.30 -10.22
CA LEU A 181 -31.67 -27.52 -9.31
C LEU A 181 -33.12 -27.86 -9.64
N GLN A 182 -33.83 -28.57 -8.76
CA GLN A 182 -35.25 -28.96 -8.99
C GLN A 182 -36.12 -27.72 -8.77
N SER A 183 -37.35 -27.73 -9.27
CA SER A 183 -38.32 -26.60 -9.17
C SER A 183 -38.65 -26.36 -7.69
N SER A 184 -38.58 -27.42 -6.88
CA SER A 184 -38.73 -27.44 -5.41
C SER A 184 -37.69 -26.56 -4.71
N GLY A 185 -36.64 -26.12 -5.41
CA GLY A 185 -35.55 -25.29 -4.85
C GLY A 185 -34.48 -26.14 -4.19
N LEU A 186 -34.60 -27.47 -4.28
CA LEU A 186 -33.61 -28.44 -3.73
C LEU A 186 -32.78 -29.04 -4.87
N TYR A 187 -31.52 -29.32 -4.58
CA TYR A 187 -30.53 -29.89 -5.51
C TYR A 187 -30.58 -31.42 -5.42
N SER A 188 -30.25 -32.07 -6.52
CA SER A 188 -29.94 -33.52 -6.60
C SER A 188 -28.70 -33.69 -7.47
N LEU A 189 -27.86 -34.66 -7.16
CA LEU A 189 -26.80 -35.09 -8.10
C LEU A 189 -26.60 -36.59 -7.98
N SER A 190 -25.92 -37.16 -8.97
CA SER A 190 -25.58 -38.60 -9.02
C SER A 190 -24.06 -38.73 -9.16
N SER A 191 -23.48 -39.71 -8.48
CA SER A 191 -22.08 -40.13 -8.64
C SER A 191 -22.13 -41.58 -9.11
N VAL A 192 -21.50 -41.85 -10.25
CA VAL A 192 -21.47 -43.21 -10.87
C VAL A 192 -20.01 -43.64 -10.94
N VAL A 193 -19.77 -44.92 -10.69
CA VAL A 193 -18.44 -45.55 -10.87
C VAL A 193 -18.63 -46.76 -11.78
N THR A 194 -17.80 -46.87 -12.82
CA THR A 194 -17.67 -48.06 -13.68
C THR A 194 -16.59 -48.96 -13.06
N VAL A 195 -16.94 -50.20 -12.74
CA VAL A 195 -16.08 -51.17 -11.98
C VAL A 195 -16.10 -52.50 -12.71
N PRO A 196 -15.05 -53.34 -12.56
CA PRO A 196 -15.09 -54.71 -13.09
C PRO A 196 -16.29 -55.49 -12.51
N SER A 197 -16.99 -56.23 -13.37
CA SER A 197 -18.21 -57.00 -13.01
C SER A 197 -17.85 -58.26 -12.22
N SER A 198 -16.60 -58.72 -12.26
CA SER A 198 -16.13 -59.89 -11.46
C SER A 198 -16.00 -59.50 -9.97
N SER A 199 -15.75 -58.22 -9.69
CA SER A 199 -15.52 -57.66 -8.33
C SER A 199 -16.83 -57.49 -7.54
N LEU A 200 -18.00 -57.61 -8.18
CA LEU A 200 -19.32 -57.25 -7.58
C LEU A 200 -19.65 -58.20 -6.42
N GLY A 201 -19.27 -59.48 -6.52
CA GLY A 201 -19.50 -60.45 -5.44
C GLY A 201 -18.65 -60.14 -4.21
N THR A 202 -17.38 -59.81 -4.45
CA THR A 202 -16.29 -59.76 -3.44
C THR A 202 -16.13 -58.32 -2.92
N GLN A 203 -15.78 -57.38 -3.81
CA GLN A 203 -15.39 -55.97 -3.47
C GLN A 203 -16.61 -55.18 -2.98
N THR A 204 -16.45 -54.41 -1.90
CA THR A 204 -17.49 -53.57 -1.25
C THR A 204 -17.43 -52.17 -1.87
N TYR A 205 -18.59 -51.58 -2.17
CA TYR A 205 -18.72 -50.20 -2.70
C TYR A 205 -19.60 -49.37 -1.76
N ILE A 206 -18.98 -48.34 -1.15
CA ILE A 206 -19.58 -47.36 -0.20
C ILE A 206 -19.35 -45.97 -0.78
N CYS A 207 -20.43 -45.23 -1.05
N CYS A 207 -20.43 -45.23 -1.04
CA CYS A 207 -20.36 -43.79 -1.39
CA CYS A 207 -20.41 -43.79 -1.40
C CYS A 207 -20.45 -42.99 -0.09
C CYS A 207 -20.47 -42.98 -0.10
N ASN A 208 -19.47 -42.11 0.14
CA ASN A 208 -19.36 -41.28 1.36
C ASN A 208 -19.83 -39.87 1.00
N VAL A 209 -21.00 -39.46 1.50
CA VAL A 209 -21.61 -38.16 1.15
C VAL A 209 -21.46 -37.23 2.35
N ASN A 210 -20.99 -36.02 2.10
CA ASN A 210 -20.79 -34.96 3.12
C ASN A 210 -21.51 -33.69 2.67
N HIS A 211 -22.47 -33.23 3.46
CA HIS A 211 -23.20 -31.95 3.24
C HIS A 211 -22.93 -31.06 4.46
N LYS A 212 -21.82 -30.31 4.39
CA LYS A 212 -21.29 -29.41 5.45
C LYS A 212 -22.38 -28.43 5.89
N PRO A 213 -23.13 -27.78 4.97
CA PRO A 213 -24.11 -26.77 5.38
C PRO A 213 -25.17 -27.29 6.37
N SER A 214 -25.57 -28.56 6.26
CA SER A 214 -26.55 -29.21 7.17
C SER A 214 -25.84 -30.10 8.20
N ASN A 215 -24.50 -30.05 8.24
CA ASN A 215 -23.67 -30.97 9.05
C ASN A 215 -24.21 -32.41 8.89
N THR A 216 -24.43 -32.85 7.64
CA THR A 216 -24.96 -34.20 7.30
C THR A 216 -23.84 -35.04 6.69
N LYS A 217 -23.65 -36.26 7.21
CA LYS A 217 -22.68 -37.26 6.71
C LYS A 217 -23.42 -38.59 6.52
N VAL A 218 -23.38 -39.16 5.32
CA VAL A 218 -24.04 -40.47 5.02
C VAL A 218 -23.01 -41.35 4.29
N ASP A 219 -22.86 -42.59 4.76
CA ASP A 219 -22.16 -43.69 4.04
C ASP A 219 -23.23 -44.65 3.58
N LYS A 220 -23.36 -44.87 2.27
CA LYS A 220 -24.38 -45.76 1.69
C LYS A 220 -23.67 -46.89 0.93
N ARG A 221 -23.89 -48.12 1.37
CA ARG A 221 -23.38 -49.35 0.72
C ARG A 221 -24.22 -49.60 -0.53
N VAL A 222 -23.58 -49.79 -1.67
CA VAL A 222 -24.23 -50.05 -2.99
C VAL A 222 -23.92 -51.50 -3.37
N GLU A 223 -24.92 -52.37 -3.31
CA GLU A 223 -24.78 -53.83 -3.62
C GLU A 223 -25.79 -54.19 -4.70
N PRO A 224 -25.56 -55.31 -5.44
CA PRO A 224 -26.47 -55.75 -6.49
C PRO A 224 -27.88 -56.05 -5.96
N LYS A 225 -28.90 -55.88 -6.81
CA LYS A 225 -30.29 -56.37 -6.56
C LYS A 225 -30.86 -55.61 -5.36
N SER B 6 -23.27 -5.02 -16.76
CA SER B 6 -21.80 -4.72 -16.85
C SER B 6 -21.59 -3.38 -17.56
N VAL B 7 -20.59 -2.61 -17.11
CA VAL B 7 -20.33 -1.21 -17.56
C VAL B 7 -19.55 -1.25 -18.89
N LEU B 8 -18.72 -2.28 -19.11
CA LEU B 8 -17.95 -2.51 -20.36
C LEU B 8 -18.68 -3.55 -21.22
N THR B 9 -18.58 -3.43 -22.54
CA THR B 9 -19.30 -4.28 -23.54
C THR B 9 -18.32 -5.20 -24.26
N GLN B 10 -18.51 -6.51 -24.14
CA GLN B 10 -17.78 -7.54 -24.91
C GLN B 10 -18.80 -8.36 -25.70
N PRO B 11 -18.41 -8.97 -26.84
CA PRO B 11 -19.29 -9.94 -27.51
C PRO B 11 -19.52 -11.12 -26.57
N PRO B 12 -20.75 -11.69 -26.52
CA PRO B 12 -21.04 -12.86 -25.68
C PRO B 12 -20.14 -14.08 -25.93
N SER B 13 -19.78 -14.35 -27.18
CA SER B 13 -19.06 -15.58 -27.60
C SER B 13 -18.18 -15.32 -28.85
N VAL B 14 -17.07 -16.07 -28.94
CA VAL B 14 -16.19 -16.16 -30.15
C VAL B 14 -15.80 -17.63 -30.34
N SER B 15 -15.35 -17.99 -31.53
CA SER B 15 -14.98 -19.40 -31.88
C SER B 15 -13.99 -19.45 -33.06
N ALA B 16 -13.20 -20.52 -33.10
CA ALA B 16 -12.23 -20.86 -34.16
C ALA B 16 -11.73 -22.29 -33.93
N ALA B 17 -11.14 -22.93 -34.96
CA ALA B 17 -10.60 -24.30 -34.88
C ALA B 17 -9.21 -24.24 -34.24
N PRO B 18 -8.69 -25.37 -33.69
CA PRO B 18 -7.37 -25.37 -33.06
C PRO B 18 -6.28 -24.77 -33.96
N GLY B 19 -5.26 -24.14 -33.36
CA GLY B 19 -4.07 -23.62 -34.05
C GLY B 19 -4.28 -22.27 -34.71
N GLN B 20 -5.53 -21.81 -34.84
CA GLN B 20 -5.92 -20.52 -35.47
C GLN B 20 -5.92 -19.40 -34.43
N LYS B 21 -6.37 -18.19 -34.81
CA LYS B 21 -6.32 -16.97 -33.95
C LYS B 21 -7.73 -16.41 -33.77
N VAL B 22 -7.95 -15.69 -32.66
CA VAL B 22 -9.24 -15.00 -32.33
C VAL B 22 -8.94 -13.68 -31.60
N THR B 23 -9.80 -12.68 -31.76
CA THR B 23 -9.74 -11.37 -31.06
C THR B 23 -11.02 -11.18 -30.23
N ILE B 24 -10.88 -10.67 -29.01
CA ILE B 24 -12.01 -10.32 -28.11
C ILE B 24 -11.92 -8.83 -27.80
N SER B 25 -12.89 -8.06 -28.28
CA SER B 25 -13.00 -6.59 -28.10
C SER B 25 -13.63 -6.31 -26.74
N CYS B 26 -13.31 -5.15 -26.16
CA CYS B 26 -13.85 -4.61 -24.89
C CYS B 26 -14.09 -3.11 -25.09
N SER B 27 -15.37 -2.72 -25.13
CA SER B 27 -15.82 -1.34 -25.45
C SER B 27 -16.24 -0.61 -24.17
N GLY B 28 -15.78 0.63 -23.99
CA GLY B 28 -16.05 1.43 -22.78
C GLY B 28 -16.25 2.90 -23.09
N SER B 29 -15.84 3.77 -22.19
CA SER B 29 -16.00 5.25 -22.30
C SER B 29 -14.70 5.93 -21.85
N SER B 30 -14.69 7.27 -21.90
CA SER B 30 -13.52 8.13 -21.56
C SER B 30 -13.11 7.91 -20.10
N SER B 31 -14.09 7.79 -19.20
CA SER B 31 -13.88 7.73 -17.74
C SER B 31 -13.33 6.36 -17.29
N ASN B 32 -13.47 5.31 -18.11
CA ASN B 32 -12.89 3.98 -17.81
C ASN B 32 -11.71 3.70 -18.77
N ILE B 33 -11.94 2.95 -19.85
CA ILE B 33 -10.89 2.46 -20.80
C ILE B 33 -10.16 3.67 -21.41
N GLY B 34 -10.88 4.75 -21.71
CA GLY B 34 -10.33 5.99 -22.27
C GLY B 34 -9.07 6.45 -21.52
N ASN B 35 -9.10 6.44 -20.20
CA ASN B 35 -8.07 7.10 -19.35
C ASN B 35 -7.38 6.11 -18.40
N HIS B 36 -7.70 4.81 -18.44
CA HIS B 36 -7.18 3.81 -17.46
C HIS B 36 -6.72 2.52 -18.16
N TYR B 37 -5.92 1.74 -17.43
CA TYR B 37 -5.24 0.51 -17.92
C TYR B 37 -6.21 -0.67 -17.82
N VAL B 38 -6.22 -1.51 -18.84
CA VAL B 38 -7.18 -2.65 -18.97
C VAL B 38 -6.47 -3.94 -18.56
N SER B 39 -7.15 -4.78 -17.77
CA SER B 39 -6.74 -6.16 -17.42
C SER B 39 -7.69 -7.15 -18.08
N TRP B 40 -7.21 -8.35 -18.37
CA TRP B 40 -8.00 -9.47 -18.92
C TRP B 40 -7.90 -10.69 -17.99
N TYR B 41 -9.05 -11.28 -17.66
CA TYR B 41 -9.20 -12.41 -16.72
C TYR B 41 -9.79 -13.60 -17.49
N GLN B 42 -9.19 -14.78 -17.30
CA GLN B 42 -9.66 -16.08 -17.81
C GLN B 42 -10.35 -16.82 -16.67
N GLN B 43 -11.62 -17.20 -16.83
CA GLN B 43 -12.33 -18.04 -15.85
C GLN B 43 -12.75 -19.36 -16.51
N LEU B 44 -12.18 -20.46 -16.03
CA LEU B 44 -12.62 -21.85 -16.36
C LEU B 44 -13.88 -22.14 -15.54
N PRO B 45 -14.81 -23.00 -16.05
CA PRO B 45 -16.03 -23.35 -15.34
C PRO B 45 -15.83 -23.70 -13.86
N GLY B 46 -16.56 -23.02 -12.98
CA GLY B 46 -16.63 -23.29 -11.53
C GLY B 46 -15.31 -23.09 -10.81
N THR B 47 -14.42 -22.23 -11.33
CA THR B 47 -13.14 -21.85 -10.66
C THR B 47 -13.02 -20.32 -10.61
N ALA B 48 -12.05 -19.83 -9.82
CA ALA B 48 -11.75 -18.40 -9.66
C ALA B 48 -11.18 -17.84 -10.96
N PRO B 49 -11.46 -16.55 -11.28
CA PRO B 49 -10.79 -15.88 -12.39
C PRO B 49 -9.27 -15.94 -12.24
N LYS B 50 -8.55 -15.92 -13.36
CA LYS B 50 -7.07 -15.89 -13.41
C LYS B 50 -6.63 -14.68 -14.24
N LEU B 51 -5.72 -13.87 -13.72
CA LEU B 51 -5.16 -12.73 -14.47
C LEU B 51 -4.28 -13.28 -15.59
N LEU B 52 -4.56 -12.86 -16.84
CA LEU B 52 -3.75 -13.14 -18.04
C LEU B 52 -2.91 -11.91 -18.39
N ILE B 53 -3.57 -10.75 -18.50
CA ILE B 53 -2.97 -9.50 -19.06
C ILE B 53 -3.34 -8.35 -18.13
N TYR B 54 -2.35 -7.54 -17.76
CA TYR B 54 -2.53 -6.31 -16.96
C TYR B 54 -1.81 -5.16 -17.68
N ASP B 55 -2.13 -3.92 -17.33
CA ASP B 55 -1.51 -2.69 -17.91
C ASP B 55 -1.60 -2.74 -19.44
N ASN B 56 -2.78 -3.12 -19.97
CA ASN B 56 -3.11 -3.15 -21.42
C ASN B 56 -2.47 -4.38 -22.12
N SER B 57 -1.16 -4.59 -21.98
CA SER B 57 -0.35 -5.48 -22.86
C SER B 57 0.62 -6.38 -22.09
N GLU B 58 0.75 -6.27 -20.78
CA GLU B 58 1.76 -7.04 -20.00
C GLU B 58 1.17 -8.42 -19.66
N ARG B 59 1.94 -9.48 -19.91
CA ARG B 59 1.55 -10.87 -19.54
C ARG B 59 1.99 -11.15 -18.10
N THR B 60 1.10 -11.70 -17.28
CA THR B 60 1.44 -12.24 -15.93
C THR B 60 2.40 -13.42 -16.12
N ALA B 61 3.19 -13.70 -15.08
CA ALA B 61 4.20 -14.79 -15.07
C ALA B 61 3.53 -16.11 -15.44
N GLY B 62 4.14 -16.88 -16.34
CA GLY B 62 3.65 -18.21 -16.76
C GLY B 62 2.76 -18.13 -17.98
N VAL B 63 2.18 -16.96 -18.29
CA VAL B 63 1.28 -16.78 -19.47
C VAL B 63 2.14 -16.63 -20.72
N PRO B 64 1.91 -17.45 -21.77
CA PRO B 64 2.74 -17.41 -22.99
C PRO B 64 2.38 -16.28 -23.96
N ASP B 65 3.24 -16.06 -24.96
CA ASP B 65 3.22 -14.91 -25.92
C ASP B 65 1.95 -14.93 -26.77
N ARG B 66 1.40 -16.10 -27.05
CA ARG B 66 0.22 -16.25 -27.96
C ARG B 66 -0.97 -15.45 -27.40
N PHE B 67 -1.03 -15.21 -26.09
CA PHE B 67 -1.97 -14.23 -25.46
C PHE B 67 -1.37 -12.82 -25.55
N SER B 68 -2.08 -11.88 -26.14
CA SER B 68 -1.64 -10.46 -26.28
C SER B 68 -2.82 -9.51 -26.10
N GLY B 69 -2.56 -8.34 -25.51
CA GLY B 69 -3.54 -7.25 -25.32
C GLY B 69 -3.06 -5.96 -25.93
N SER B 70 -3.98 -5.17 -26.49
CA SER B 70 -3.75 -3.76 -26.93
C SER B 70 -4.91 -2.88 -26.45
N LYS B 71 -4.70 -1.56 -26.46
CA LYS B 71 -5.76 -0.55 -26.17
C LYS B 71 -5.67 0.55 -27.24
N SER B 72 -6.83 1.00 -27.74
CA SER B 72 -6.97 2.12 -28.69
C SER B 72 -8.20 2.95 -28.30
N GLY B 73 -7.98 4.15 -27.76
CA GLY B 73 -9.06 5.07 -27.37
C GLY B 73 -9.86 4.49 -26.21
N THR B 74 -11.15 4.24 -26.42
CA THR B 74 -12.08 3.70 -25.39
C THR B 74 -12.31 2.20 -25.62
N SER B 75 -11.49 1.55 -26.46
CA SER B 75 -11.57 0.09 -26.77
C SER B 75 -10.28 -0.63 -26.34
N ALA B 76 -10.41 -1.90 -25.96
CA ALA B 76 -9.27 -2.81 -25.69
C ALA B 76 -9.54 -4.13 -26.41
N THR B 77 -8.47 -4.84 -26.79
CA THR B 77 -8.54 -6.11 -27.55
C THR B 77 -7.63 -7.13 -26.86
N LEU B 78 -8.14 -8.35 -26.64
CA LEU B 78 -7.36 -9.55 -26.29
C LEU B 78 -7.22 -10.40 -27.55
N GLY B 79 -5.98 -10.68 -27.96
CA GLY B 79 -5.64 -11.61 -29.06
C GLY B 79 -5.15 -12.94 -28.51
N ILE B 80 -5.68 -14.05 -29.04
CA ILE B 80 -5.25 -15.43 -28.71
C ILE B 80 -4.94 -16.16 -30.03
N THR B 81 -3.67 -16.54 -30.24
CA THR B 81 -3.20 -17.34 -31.39
C THR B 81 -2.92 -18.78 -30.92
N GLY B 82 -2.57 -19.68 -31.84
CA GLY B 82 -2.27 -21.09 -31.55
C GLY B 82 -3.31 -21.71 -30.63
N LEU B 83 -4.59 -21.54 -30.98
CA LEU B 83 -5.75 -21.89 -30.13
C LEU B 83 -5.67 -23.38 -29.72
N GLN B 84 -5.71 -23.64 -28.41
CA GLN B 84 -5.81 -24.99 -27.81
C GLN B 84 -7.21 -25.15 -27.22
N THR B 85 -7.65 -26.40 -27.00
CA THR B 85 -8.97 -26.70 -26.38
C THR B 85 -8.94 -26.21 -24.92
N GLY B 86 -7.76 -26.24 -24.29
CA GLY B 86 -7.51 -25.69 -22.94
C GLY B 86 -7.89 -24.21 -22.84
N ASP B 87 -7.94 -23.49 -23.97
CA ASP B 87 -8.24 -22.03 -24.03
C ASP B 87 -9.74 -21.78 -23.90
N GLU B 88 -10.58 -22.82 -23.97
CA GLU B 88 -12.06 -22.69 -23.77
C GLU B 88 -12.30 -22.20 -22.33
N ALA B 89 -12.88 -21.00 -22.20
CA ALA B 89 -13.09 -20.32 -20.89
C ALA B 89 -13.93 -19.06 -21.12
N ASP B 90 -14.34 -18.42 -20.02
CA ASP B 90 -14.95 -17.05 -20.05
C ASP B 90 -13.83 -16.04 -19.86
N TYR B 91 -13.78 -15.04 -20.75
CA TYR B 91 -12.76 -13.96 -20.75
C TYR B 91 -13.45 -12.64 -20.36
N TYR B 92 -12.89 -11.95 -19.38
CA TYR B 92 -13.41 -10.68 -18.84
C TYR B 92 -12.32 -9.61 -18.93
N CYS B 93 -12.65 -8.45 -19.49
CA CYS B 93 -11.81 -7.22 -19.38
C CYS B 93 -12.23 -6.49 -18.10
N GLY B 94 -11.28 -5.81 -17.46
CA GLY B 94 -11.52 -5.01 -16.25
C GLY B 94 -10.72 -3.73 -16.32
N THR B 95 -11.21 -2.69 -15.65
CA THR B 95 -10.48 -1.40 -15.52
C THR B 95 -11.11 -0.61 -14.37
N TRP B 96 -10.55 0.56 -14.11
CA TRP B 96 -11.06 1.55 -13.13
C TRP B 96 -11.97 2.53 -13.87
N ASP B 97 -13.05 2.95 -13.23
CA ASP B 97 -13.94 4.02 -13.75
C ASP B 97 -13.86 5.19 -12.77
N GLU B 98 -13.24 6.30 -13.18
CA GLU B 98 -13.00 7.48 -12.30
C GLU B 98 -14.32 8.24 -12.08
N LEU B 99 -15.34 8.05 -12.94
CA LEU B 99 -16.66 8.72 -12.78
C LEU B 99 -17.38 8.17 -11.53
N THR B 100 -17.44 6.84 -11.39
CA THR B 100 -18.19 6.15 -10.30
C THR B 100 -17.23 5.72 -9.17
N SER B 101 -15.91 5.82 -9.37
CA SER B 101 -14.87 5.26 -8.46
C SER B 101 -15.18 3.77 -8.20
N ASN B 102 -15.41 3.01 -9.28
CA ASN B 102 -15.67 1.54 -9.24
C ASN B 102 -14.59 0.83 -10.04
N LEU B 103 -14.22 -0.38 -9.64
CA LEU B 103 -13.61 -1.35 -10.59
C LEU B 103 -14.76 -1.91 -11.43
N VAL B 104 -14.60 -1.93 -12.74
CA VAL B 104 -15.66 -2.32 -13.71
C VAL B 104 -15.15 -3.50 -14.54
N PHE B 105 -16.10 -4.26 -15.09
CA PHE B 105 -15.86 -5.51 -15.84
C PHE B 105 -16.71 -5.49 -17.12
N GLY B 106 -16.23 -6.18 -18.14
CA GLY B 106 -17.08 -6.63 -19.27
C GLY B 106 -18.02 -7.72 -18.80
N GLY B 107 -19.08 -7.97 -19.57
CA GLY B 107 -20.07 -9.03 -19.30
C GLY B 107 -19.48 -10.42 -19.46
N GLY B 108 -18.36 -10.52 -20.19
CA GLY B 108 -17.65 -11.78 -20.44
C GLY B 108 -17.84 -12.25 -21.87
N THR B 109 -16.84 -12.94 -22.41
CA THR B 109 -16.88 -13.60 -23.74
C THR B 109 -16.55 -15.09 -23.55
N LYS B 110 -17.45 -15.97 -23.97
CA LYS B 110 -17.25 -17.45 -24.00
C LYS B 110 -16.48 -17.80 -25.27
N LEU B 111 -15.27 -18.36 -25.13
CA LEU B 111 -14.42 -18.83 -26.25
C LEU B 111 -14.68 -20.32 -26.46
N THR B 112 -15.07 -20.71 -27.69
CA THR B 112 -15.27 -22.11 -28.14
C THR B 112 -14.16 -22.48 -29.13
N VAL B 113 -13.60 -23.68 -28.99
CA VAL B 113 -12.66 -24.28 -29.99
C VAL B 113 -13.45 -25.30 -30.81
N LEU B 114 -13.59 -25.05 -32.11
CA LEU B 114 -14.46 -25.79 -33.06
C LEU B 114 -13.69 -26.98 -33.63
N GLY B 115 -14.35 -27.78 -34.49
CA GLY B 115 -13.72 -28.81 -35.33
C GLY B 115 -13.05 -29.91 -34.52
N GLN B 116 -13.39 -30.02 -33.23
CA GLN B 116 -13.00 -31.18 -32.38
C GLN B 116 -13.85 -32.35 -32.86
N PRO B 117 -13.35 -33.60 -32.79
CA PRO B 117 -14.10 -34.75 -33.30
C PRO B 117 -15.44 -34.89 -32.58
N LYS B 118 -16.54 -34.98 -33.34
CA LYS B 118 -17.89 -35.28 -32.78
C LYS B 118 -17.87 -36.68 -32.15
N ALA B 119 -18.62 -36.86 -31.07
CA ALA B 119 -18.84 -38.15 -30.37
C ALA B 119 -20.30 -38.21 -29.88
N ALA B 120 -20.95 -39.35 -30.05
CA ALA B 120 -22.33 -39.62 -29.58
C ALA B 120 -22.31 -39.85 -28.07
N PRO B 121 -23.40 -39.50 -27.35
CA PRO B 121 -23.45 -39.69 -25.89
C PRO B 121 -23.57 -41.15 -25.41
N SER B 122 -22.75 -41.54 -24.43
CA SER B 122 -22.96 -42.74 -23.57
C SER B 122 -24.11 -42.44 -22.61
N VAL B 123 -25.10 -43.31 -22.55
CA VAL B 123 -26.29 -43.18 -21.68
C VAL B 123 -26.34 -44.38 -20.73
N THR B 124 -26.43 -44.12 -19.43
CA THR B 124 -26.75 -45.12 -18.37
C THR B 124 -28.04 -44.69 -17.70
N LEU B 125 -29.06 -45.56 -17.69
CA LEU B 125 -30.37 -45.28 -17.06
C LEU B 125 -30.55 -46.19 -15.84
N PHE B 126 -30.82 -45.58 -14.68
CA PHE B 126 -31.03 -46.29 -13.40
C PHE B 126 -32.50 -46.21 -13.01
N PRO B 127 -33.09 -47.35 -12.58
CA PRO B 127 -34.45 -47.35 -12.03
C PRO B 127 -34.45 -46.87 -10.59
N PRO B 128 -35.64 -46.65 -9.99
CA PRO B 128 -35.73 -46.27 -8.59
C PRO B 128 -35.18 -47.37 -7.67
N SER B 129 -34.41 -46.98 -6.66
CA SER B 129 -33.92 -47.88 -5.58
C SER B 129 -35.11 -48.37 -4.74
N SER B 130 -35.06 -49.62 -4.25
CA SER B 130 -35.97 -50.16 -3.21
C SER B 130 -36.17 -49.14 -2.09
N GLU B 131 -35.06 -48.59 -1.61
CA GLU B 131 -34.98 -47.62 -0.49
C GLU B 131 -35.84 -46.38 -0.80
N GLU B 132 -35.79 -45.87 -2.03
CA GLU B 132 -36.57 -44.66 -2.44
C GLU B 132 -38.05 -45.01 -2.52
N LEU B 133 -38.38 -46.18 -3.08
CA LEU B 133 -39.78 -46.67 -3.21
C LEU B 133 -40.38 -46.84 -1.81
N GLN B 134 -39.58 -47.30 -0.84
CA GLN B 134 -39.99 -47.43 0.60
C GLN B 134 -40.33 -46.04 1.16
N ALA B 135 -39.68 -44.98 0.67
CA ALA B 135 -39.91 -43.58 1.09
C ALA B 135 -41.03 -42.93 0.26
N ASN B 136 -41.81 -43.72 -0.49
CA ASN B 136 -42.98 -43.26 -1.29
C ASN B 136 -42.54 -42.24 -2.35
N LYS B 137 -41.39 -42.49 -2.98
CA LYS B 137 -40.82 -41.66 -4.06
C LYS B 137 -40.23 -42.61 -5.12
N ALA B 138 -40.03 -42.10 -6.34
CA ALA B 138 -39.41 -42.84 -7.46
C ALA B 138 -38.72 -41.83 -8.38
N THR B 139 -37.41 -41.97 -8.54
CA THR B 139 -36.60 -41.15 -9.48
C THR B 139 -35.89 -42.09 -10.46
N LEU B 140 -36.10 -41.87 -11.76
CA LEU B 140 -35.26 -42.43 -12.85
C LEU B 140 -34.11 -41.45 -13.09
N VAL B 141 -32.89 -41.97 -13.12
CA VAL B 141 -31.65 -41.16 -13.29
C VAL B 141 -31.04 -41.54 -14.64
N CYS B 142 -31.00 -40.60 -15.57
CA CYS B 142 -30.44 -40.78 -16.93
C CYS B 142 -29.14 -39.98 -17.03
N LEU B 143 -28.02 -40.69 -17.15
CA LEU B 143 -26.66 -40.08 -17.09
C LEU B 143 -26.02 -40.15 -18.47
N ILE B 144 -25.64 -38.98 -18.99
CA ILE B 144 -25.27 -38.73 -20.42
C ILE B 144 -23.87 -38.13 -20.44
N SER B 145 -22.91 -38.82 -21.06
CA SER B 145 -21.46 -38.45 -21.04
C SER B 145 -20.82 -38.63 -22.43
N ASP B 146 -19.69 -37.93 -22.63
CA ASP B 146 -18.73 -38.11 -23.75
C ASP B 146 -19.37 -37.73 -25.09
N PHE B 147 -20.14 -36.63 -25.12
CA PHE B 147 -20.76 -36.11 -26.37
C PHE B 147 -20.15 -34.76 -26.74
N TYR B 148 -19.97 -34.53 -28.04
CA TYR B 148 -19.46 -33.28 -28.65
C TYR B 148 -20.09 -33.08 -30.02
N PRO B 149 -20.62 -31.88 -30.37
CA PRO B 149 -20.66 -30.71 -29.49
C PRO B 149 -21.49 -30.90 -28.20
N GLY B 150 -21.37 -29.94 -27.28
CA GLY B 150 -22.00 -29.98 -25.94
C GLY B 150 -23.45 -29.52 -25.97
N ALA B 151 -24.30 -30.19 -26.77
CA ALA B 151 -25.76 -29.99 -26.79
C ALA B 151 -26.46 -31.32 -27.06
N VAL B 152 -27.47 -31.65 -26.24
CA VAL B 152 -28.37 -32.83 -26.41
C VAL B 152 -29.80 -32.37 -26.11
N THR B 153 -30.80 -33.07 -26.66
CA THR B 153 -32.21 -33.00 -26.21
C THR B 153 -32.56 -34.36 -25.57
N VAL B 154 -33.34 -34.33 -24.49
CA VAL B 154 -33.77 -35.54 -23.73
C VAL B 154 -35.27 -35.71 -23.89
N ALA B 155 -35.72 -36.93 -24.20
CA ALA B 155 -37.14 -37.31 -24.25
C ALA B 155 -37.35 -38.56 -23.39
N TRP B 156 -38.33 -38.51 -22.48
CA TRP B 156 -38.73 -39.63 -21.59
C TRP B 156 -40.01 -40.28 -22.13
N LYS B 157 -40.04 -41.61 -22.19
CA LYS B 157 -41.22 -42.43 -22.59
C LYS B 157 -41.66 -43.29 -21.40
N ALA B 158 -42.97 -43.37 -21.15
CA ALA B 158 -43.63 -44.40 -20.32
C ALA B 158 -44.26 -45.41 -21.27
N ASP B 159 -43.74 -46.65 -21.30
CA ASP B 159 -43.99 -47.62 -22.40
C ASP B 159 -43.56 -46.95 -23.71
N SER B 160 -44.50 -46.64 -24.61
CA SER B 160 -44.25 -46.05 -25.94
C SER B 160 -44.50 -44.53 -25.95
N SER B 161 -45.32 -44.03 -25.01
CA SER B 161 -45.91 -42.67 -25.07
C SER B 161 -45.01 -41.65 -24.38
N PRO B 162 -44.87 -40.43 -24.95
CA PRO B 162 -44.03 -39.38 -24.36
C PRO B 162 -44.55 -38.92 -22.98
N VAL B 163 -43.63 -38.56 -22.07
CA VAL B 163 -43.95 -37.99 -20.74
C VAL B 163 -43.12 -36.72 -20.56
N LYS B 164 -43.79 -35.58 -20.39
CA LYS B 164 -43.19 -34.22 -20.26
C LYS B 164 -42.99 -33.87 -18.77
N ALA B 165 -43.95 -34.28 -17.92
CA ALA B 165 -44.10 -33.85 -16.52
C ALA B 165 -43.05 -34.51 -15.64
N GLY B 166 -42.53 -33.76 -14.65
CA GLY B 166 -41.59 -34.25 -13.61
C GLY B 166 -40.18 -34.47 -14.15
N VAL B 167 -39.84 -33.82 -15.27
CA VAL B 167 -38.48 -33.90 -15.89
C VAL B 167 -37.64 -32.73 -15.38
N GLU B 168 -36.44 -33.02 -14.89
CA GLU B 168 -35.39 -32.03 -14.52
C GLU B 168 -34.11 -32.44 -15.22
N THR B 169 -33.60 -31.59 -16.12
CA THR B 169 -32.39 -31.84 -16.94
C THR B 169 -31.38 -30.73 -16.63
N THR B 170 -30.11 -31.09 -16.47
CA THR B 170 -29.00 -30.13 -16.29
C THR B 170 -28.62 -29.58 -17.65
N THR B 171 -27.99 -28.40 -17.67
CA THR B 171 -27.23 -27.86 -18.82
C THR B 171 -26.00 -28.74 -19.02
N PRO B 172 -25.48 -28.89 -20.25
CA PRO B 172 -24.25 -29.63 -20.48
C PRO B 172 -23.03 -28.98 -19.81
N SER B 173 -22.08 -29.80 -19.38
CA SER B 173 -20.83 -29.35 -18.70
C SER B 173 -19.64 -30.12 -19.26
N LYS B 174 -18.52 -29.42 -19.50
CA LYS B 174 -17.25 -30.00 -20.00
C LYS B 174 -16.67 -30.96 -18.94
N GLN B 175 -16.48 -32.23 -19.30
CA GLN B 175 -15.72 -33.23 -18.50
C GLN B 175 -14.23 -32.90 -18.59
N SER B 176 -13.38 -33.64 -17.85
CA SER B 176 -11.92 -33.46 -17.81
C SER B 176 -11.26 -33.93 -19.12
N ASN B 177 -11.97 -34.72 -19.94
CA ASN B 177 -11.47 -35.21 -21.25
C ASN B 177 -11.96 -34.30 -22.39
N ASN B 178 -12.52 -33.12 -22.07
CA ASN B 178 -12.89 -32.05 -23.03
C ASN B 178 -14.16 -32.44 -23.81
N LYS B 179 -14.88 -33.49 -23.38
CA LYS B 179 -16.23 -33.85 -23.89
C LYS B 179 -17.26 -33.40 -22.86
N TYR B 180 -18.56 -33.47 -23.18
CA TYR B 180 -19.65 -32.91 -22.34
C TYR B 180 -20.45 -34.02 -21.65
N ALA B 181 -21.06 -33.64 -20.53
CA ALA B 181 -21.88 -34.50 -19.63
C ALA B 181 -23.16 -33.75 -19.26
N ALA B 182 -24.26 -34.48 -19.10
CA ALA B 182 -25.54 -33.97 -18.59
C ALA B 182 -26.27 -35.11 -17.88
N SER B 183 -27.23 -34.76 -17.02
CA SER B 183 -28.12 -35.72 -16.33
C SER B 183 -29.55 -35.24 -16.47
N SER B 184 -30.47 -36.19 -16.66
CA SER B 184 -31.93 -35.95 -16.62
C SER B 184 -32.56 -36.88 -15.57
N TYR B 185 -33.46 -36.33 -14.77
CA TYR B 185 -34.18 -37.02 -13.68
C TYR B 185 -35.68 -36.97 -14.00
N LEU B 186 -36.36 -38.11 -13.93
CA LEU B 186 -37.84 -38.21 -14.03
C LEU B 186 -38.38 -38.60 -12.65
N SER B 187 -39.24 -37.75 -12.09
CA SER B 187 -39.97 -37.99 -10.82
C SER B 187 -41.27 -38.71 -11.14
N LEU B 188 -41.54 -39.80 -10.44
CA LEU B 188 -42.77 -40.62 -10.58
C LEU B 188 -43.27 -40.93 -9.17
N THR B 189 -44.55 -41.27 -9.06
CA THR B 189 -45.12 -41.96 -7.87
C THR B 189 -44.69 -43.41 -7.98
N PRO B 190 -44.55 -44.14 -6.85
CA PRO B 190 -44.33 -45.59 -6.92
C PRO B 190 -45.41 -46.31 -7.76
N GLU B 191 -46.64 -45.78 -7.73
CA GLU B 191 -47.81 -46.37 -8.44
C GLU B 191 -47.62 -46.19 -9.95
N GLN B 192 -47.11 -45.05 -10.38
CA GLN B 192 -46.82 -44.76 -11.82
C GLN B 192 -45.71 -45.69 -12.31
N TRP B 193 -44.64 -45.86 -11.51
CA TRP B 193 -43.48 -46.71 -11.85
C TRP B 193 -43.95 -48.16 -12.06
N LYS B 194 -44.78 -48.65 -11.13
CA LYS B 194 -45.27 -50.07 -11.11
C LYS B 194 -46.28 -50.34 -12.23
N SER B 195 -47.06 -49.34 -12.63
CA SER B 195 -48.24 -49.52 -13.54
C SER B 195 -47.82 -49.65 -15.01
N HIS B 196 -46.58 -49.35 -15.37
CA HIS B 196 -46.08 -49.43 -16.78
C HIS B 196 -45.13 -50.62 -16.93
N ARG B 197 -45.02 -51.17 -18.14
CA ARG B 197 -44.10 -52.30 -18.46
C ARG B 197 -42.65 -51.81 -18.41
N SER B 198 -42.40 -50.55 -18.78
CA SER B 198 -41.04 -49.95 -18.83
C SER B 198 -41.09 -48.42 -18.97
N TYR B 199 -39.96 -47.77 -18.68
CA TYR B 199 -39.69 -46.34 -18.96
C TYR B 199 -38.40 -46.23 -19.75
N SER B 200 -38.32 -45.24 -20.64
CA SER B 200 -37.15 -45.00 -21.52
C SER B 200 -36.68 -43.55 -21.38
N CYS B 201 -35.35 -43.38 -21.41
CA CYS B 201 -34.64 -42.11 -21.61
C CYS B 201 -34.05 -42.11 -23.03
N GLN B 202 -34.54 -41.22 -23.89
CA GLN B 202 -34.04 -41.05 -25.29
C GLN B 202 -33.23 -39.76 -25.37
N VAL B 203 -31.97 -39.87 -25.81
CA VAL B 203 -31.04 -38.72 -25.92
C VAL B 203 -30.69 -38.55 -27.40
N THR B 204 -31.05 -37.40 -27.98
CA THR B 204 -30.81 -37.05 -29.40
C THR B 204 -29.64 -36.07 -29.47
N HIS B 205 -28.68 -36.35 -30.35
CA HIS B 205 -27.42 -35.59 -30.51
C HIS B 205 -27.04 -35.58 -31.99
N GLU B 206 -27.00 -34.39 -32.61
CA GLU B 206 -26.69 -34.22 -34.05
C GLU B 206 -27.48 -35.24 -34.90
N GLY B 207 -28.77 -35.43 -34.61
CA GLY B 207 -29.70 -36.16 -35.48
C GLY B 207 -29.78 -37.66 -35.21
N SER B 208 -28.95 -38.22 -34.33
CA SER B 208 -29.02 -39.64 -33.88
C SER B 208 -29.55 -39.72 -32.45
N THR B 209 -30.41 -40.71 -32.18
CA THR B 209 -31.01 -41.00 -30.85
C THR B 209 -30.34 -42.25 -30.25
N VAL B 210 -29.87 -42.12 -29.01
CA VAL B 210 -29.40 -43.22 -28.12
C VAL B 210 -30.45 -43.38 -27.01
N GLU B 211 -31.00 -44.58 -26.88
CA GLU B 211 -32.14 -44.89 -25.98
C GLU B 211 -31.71 -45.93 -24.95
N LYS B 212 -32.16 -45.77 -23.70
CA LYS B 212 -32.04 -46.80 -22.63
C LYS B 212 -33.42 -47.01 -22.02
N THR B 213 -33.72 -48.25 -21.62
CA THR B 213 -35.03 -48.67 -21.05
C THR B 213 -34.78 -49.38 -19.71
N VAL B 214 -35.66 -49.17 -18.73
CA VAL B 214 -35.65 -49.89 -17.42
C VAL B 214 -37.08 -50.34 -17.13
N ALA B 215 -37.23 -51.41 -16.36
CA ALA B 215 -38.54 -52.00 -16.01
C ALA B 215 -38.59 -52.25 -14.50
N PRO B 216 -39.80 -52.30 -13.90
CA PRO B 216 -39.94 -52.78 -12.52
C PRO B 216 -39.50 -54.25 -12.44
N THR B 217 -38.54 -54.57 -11.58
CA THR B 217 -38.10 -55.96 -11.30
C THR B 217 -38.62 -56.31 -9.90
N GLU B 218 -39.80 -56.92 -9.84
CA GLU B 218 -40.53 -57.26 -8.58
C GLU B 218 -41.22 -58.61 -8.74
N GLU C 5 21.54 0.62 2.19
CA GLU C 5 21.15 1.58 3.26
C GLU C 5 19.76 2.13 2.91
N VAL C 6 18.78 1.92 3.78
CA VAL C 6 17.37 2.40 3.62
C VAL C 6 17.37 3.92 3.69
N GLN C 7 17.06 4.59 2.58
CA GLN C 7 16.97 6.07 2.54
C GLN C 7 16.02 6.54 1.44
N LEU C 8 15.61 7.80 1.54
CA LEU C 8 14.76 8.53 0.58
C LEU C 8 15.57 9.70 0.02
N LEU C 9 15.87 9.68 -1.28
CA LEU C 9 16.72 10.69 -1.95
C LEU C 9 15.84 11.81 -2.54
N GLU C 10 15.90 13.01 -1.97
CA GLU C 10 15.08 14.18 -2.40
C GLU C 10 15.87 15.03 -3.40
N SER C 11 15.15 15.70 -4.30
CA SER C 11 15.69 16.70 -5.26
C SER C 11 14.54 17.60 -5.76
N GLY C 12 14.90 18.68 -6.46
CA GLY C 12 13.95 19.60 -7.13
C GLY C 12 13.65 20.84 -6.30
N GLY C 13 14.29 21.00 -5.13
CA GLY C 13 14.13 22.19 -4.28
C GLY C 13 14.85 23.39 -4.88
N GLY C 14 14.85 24.53 -4.21
CA GLY C 14 15.63 25.70 -4.65
C GLY C 14 14.85 26.99 -4.54
N LEU C 15 15.37 28.04 -5.17
CA LEU C 15 14.84 29.44 -5.14
C LEU C 15 13.86 29.61 -6.31
N VAL C 16 12.66 30.12 -6.02
CA VAL C 16 11.65 30.45 -7.06
C VAL C 16 11.03 31.81 -6.74
N GLN C 17 10.64 32.56 -7.78
CA GLN C 17 9.87 33.82 -7.66
C GLN C 17 8.48 33.51 -7.13
N PRO C 18 7.83 34.45 -6.40
CA PRO C 18 6.44 34.28 -5.99
C PRO C 18 5.61 33.97 -7.25
N GLY C 19 4.74 32.97 -7.16
CA GLY C 19 3.84 32.58 -8.26
C GLY C 19 4.44 31.47 -9.10
N GLY C 20 5.69 31.10 -8.83
CA GLY C 20 6.46 30.13 -9.63
C GLY C 20 6.12 28.69 -9.27
N SER C 21 6.89 27.75 -9.82
CA SER C 21 6.62 26.29 -9.80
C SER C 21 7.91 25.55 -9.47
N LEU C 22 7.82 24.51 -8.64
CA LEU C 22 8.88 23.50 -8.43
C LEU C 22 8.23 22.12 -8.45
N ARG C 23 9.00 21.09 -8.85
CA ARG C 23 8.61 19.67 -8.73
C ARG C 23 9.62 19.01 -7.79
N LEU C 24 9.19 18.61 -6.58
CA LEU C 24 10.04 17.84 -5.64
C LEU C 24 9.96 16.37 -6.06
N SER C 25 11.08 15.66 -5.94
CA SER C 25 11.19 14.20 -6.18
C SER C 25 11.73 13.53 -4.92
N CYS C 26 11.29 12.28 -4.69
CA CYS C 26 11.67 11.43 -3.55
C CYS C 26 11.82 10.00 -4.05
N ALA C 27 13.06 9.55 -4.28
CA ALA C 27 13.38 8.20 -4.81
C ALA C 27 13.74 7.26 -3.64
N ALA C 28 12.98 6.17 -3.51
CA ALA C 28 13.21 5.10 -2.52
C ALA C 28 14.56 4.43 -2.85
N SER C 29 15.34 4.12 -1.83
CA SER C 29 16.64 3.39 -1.96
C SER C 29 16.78 2.35 -0.85
N GLY C 30 16.93 1.07 -1.22
CA GLY C 30 17.37 -0.01 -0.31
C GLY C 30 16.21 -0.83 0.23
N PHE C 31 15.02 -0.73 -0.37
CA PHE C 31 13.82 -1.50 0.05
C PHE C 31 12.84 -1.62 -1.11
N THR C 32 12.00 -2.65 -1.06
CA THR C 32 11.04 -3.02 -2.13
C THR C 32 9.75 -2.21 -1.95
N PHE C 33 9.00 -2.05 -3.03
CA PHE C 33 7.80 -1.19 -3.13
C PHE C 33 6.63 -1.78 -2.32
N ARG C 34 6.05 -0.97 -1.43
CA ARG C 34 4.89 -1.30 -0.55
C ARG C 34 3.93 -0.10 -0.40
N TYR C 35 3.92 0.84 -1.35
CA TYR C 35 3.00 2.01 -1.40
C TYR C 35 3.22 2.94 -0.18
N GLU C 36 4.40 2.92 0.45
CA GLU C 36 4.63 3.64 1.73
C GLU C 36 5.44 4.94 1.54
N VAL C 37 6.12 5.15 0.41
CA VAL C 37 6.81 6.44 0.13
C VAL C 37 5.72 7.39 -0.38
N ALA C 38 5.07 8.07 0.57
CA ALA C 38 3.66 8.48 0.40
C ALA C 38 3.33 9.80 1.09
N ALA C 39 4.25 10.44 1.80
CA ALA C 39 3.95 11.67 2.58
C ALA C 39 4.99 12.76 2.31
N TRP C 40 4.53 14.02 2.32
CA TRP C 40 5.37 15.24 2.33
C TRP C 40 5.03 16.06 3.56
N VAL C 41 6.07 16.43 4.32
CA VAL C 41 6.00 17.24 5.57
C VAL C 41 7.03 18.37 5.40
N ARG C 42 6.68 19.58 5.85
CA ARG C 42 7.57 20.76 5.74
C ARG C 42 7.76 21.42 7.10
N GLN C 43 8.77 22.29 7.18
CA GLN C 43 9.19 22.94 8.45
C GLN C 43 9.84 24.28 8.09
N ALA C 44 9.14 25.38 8.39
CA ALA C 44 9.68 26.74 8.27
C ALA C 44 10.83 26.88 9.26
N PRO C 45 11.86 27.72 8.97
CA PRO C 45 12.97 27.89 9.90
C PRO C 45 12.41 28.34 11.26
N GLY C 46 12.78 27.62 12.32
CA GLY C 46 12.42 27.90 13.73
C GLY C 46 11.10 27.28 14.17
N LYS C 47 10.26 26.80 13.23
CA LYS C 47 8.84 26.46 13.48
C LYS C 47 8.66 24.94 13.53
N GLY C 48 7.41 24.50 13.71
CA GLY C 48 7.05 23.07 13.89
C GLY C 48 6.96 22.33 12.58
N LEU C 49 6.75 21.02 12.65
CA LEU C 49 6.46 20.14 11.49
C LEU C 49 5.03 20.43 11.02
N GLU C 50 4.83 20.62 9.72
CA GLU C 50 3.50 20.81 9.09
C GLU C 50 3.32 19.77 7.97
N TRP C 51 2.42 18.80 8.15
CA TRP C 51 2.08 17.83 7.09
C TRP C 51 1.47 18.59 5.91
N VAL C 52 1.86 18.24 4.69
CA VAL C 52 1.51 18.96 3.44
C VAL C 52 0.56 18.08 2.63
N SER C 53 0.94 16.82 2.39
CA SER C 53 0.27 15.95 1.39
C SER C 53 0.61 14.48 1.66
N ALA C 54 -0.30 13.57 1.30
CA ALA C 54 -0.07 12.11 1.30
C ALA C 54 -0.77 11.49 0.09
N ILE C 55 -0.33 10.31 -0.32
CA ILE C 55 -0.96 9.53 -1.41
C ILE C 55 -1.25 8.11 -0.91
N SER C 56 -2.37 7.56 -1.35
CA SER C 56 -2.84 6.20 -1.02
C SER C 56 -2.69 5.30 -2.25
N GLY C 57 -2.83 3.99 -2.03
CA GLY C 57 -2.82 2.95 -3.07
C GLY C 57 -3.47 1.70 -2.52
N PRO C 58 -3.61 0.62 -3.33
CA PRO C 58 -3.25 0.67 -4.75
C PRO C 58 -4.08 1.62 -5.61
N ILE C 59 -5.35 1.87 -5.26
CA ILE C 59 -6.19 2.91 -5.90
C ILE C 59 -5.58 4.26 -5.54
N PRO C 60 -5.08 5.06 -6.52
CA PRO C 60 -4.46 6.36 -6.22
C PRO C 60 -5.50 7.33 -5.66
N LYS C 61 -5.12 8.04 -4.60
CA LYS C 61 -5.88 9.18 -4.02
C LYS C 61 -4.88 10.11 -3.33
N GLY C 62 -4.98 11.42 -3.59
CA GLY C 62 -4.18 12.45 -2.92
C GLY C 62 -4.94 13.08 -1.77
N TYR C 63 -4.25 13.36 -0.68
CA TYR C 63 -4.72 14.15 0.47
C TYR C 63 -3.83 15.39 0.60
N TYR C 64 -4.42 16.52 0.96
CA TYR C 64 -3.74 17.84 0.99
C TYR C 64 -4.19 18.62 2.23
N ALA C 65 -3.25 19.33 2.84
CA ALA C 65 -3.52 20.39 3.83
C ALA C 65 -4.32 21.50 3.15
N ASP C 66 -5.23 22.14 3.88
CA ASP C 66 -6.06 23.27 3.36
C ASP C 66 -5.16 24.30 2.69
N SER C 67 -4.00 24.60 3.29
CA SER C 67 -3.06 25.68 2.83
C SER C 67 -2.54 25.42 1.42
N VAL C 68 -2.52 24.16 0.94
CA VAL C 68 -1.89 23.82 -0.37
C VAL C 68 -2.92 23.26 -1.36
N LYS C 69 -4.13 22.94 -0.91
CA LYS C 69 -5.18 22.32 -1.78
C LYS C 69 -5.36 23.17 -3.03
N GLY C 70 -5.28 22.55 -4.21
CA GLY C 70 -5.50 23.20 -5.52
C GLY C 70 -4.20 23.68 -6.16
N ARG C 71 -3.15 23.88 -5.36
CA ARG C 71 -1.86 24.44 -5.81
C ARG C 71 -0.83 23.31 -5.96
N PHE C 72 -0.90 22.31 -5.08
CA PHE C 72 0.06 21.17 -5.01
C PHE C 72 -0.63 19.89 -5.51
N THR C 73 0.15 19.01 -6.13
CA THR C 73 -0.32 17.72 -6.65
C THR C 73 0.71 16.66 -6.30
N ILE C 74 0.28 15.66 -5.53
CA ILE C 74 1.12 14.48 -5.16
C ILE C 74 0.87 13.40 -6.20
N SER C 75 1.92 12.69 -6.58
CA SER C 75 1.88 11.56 -7.52
C SER C 75 3.07 10.65 -7.22
N ARG C 76 3.06 9.44 -7.76
CA ARG C 76 4.20 8.50 -7.57
C ARG C 76 4.30 7.61 -8.80
N ASP C 77 5.51 7.44 -9.32
CA ASP C 77 5.86 6.36 -10.28
C ASP C 77 6.11 5.10 -9.46
N ASN C 78 5.11 4.21 -9.36
CA ASN C 78 5.17 2.97 -8.55
C ASN C 78 6.35 2.11 -9.01
N SER C 79 6.59 2.02 -10.32
CA SER C 79 7.61 1.12 -10.93
C SER C 79 9.02 1.64 -10.63
N LYS C 80 9.17 2.93 -10.33
CA LYS C 80 10.49 3.56 -10.01
C LYS C 80 10.50 4.00 -8.54
N ASN C 81 9.48 3.59 -7.77
CA ASN C 81 9.19 4.02 -6.38
C ASN C 81 9.75 5.43 -6.17
N THR C 82 9.23 6.39 -6.93
CA THR C 82 9.59 7.83 -6.86
C THR C 82 8.32 8.63 -6.59
N LEU C 83 8.26 9.30 -5.45
CA LEU C 83 7.13 10.18 -5.05
C LEU C 83 7.45 11.60 -5.52
N TYR C 84 6.44 12.31 -6.08
CA TYR C 84 6.58 13.68 -6.62
C TYR C 84 5.63 14.61 -5.87
N LEU C 85 6.02 15.89 -5.76
CA LEU C 85 5.13 16.99 -5.32
C LEU C 85 5.28 18.14 -6.31
N GLN C 86 4.31 18.26 -7.23
CA GLN C 86 4.22 19.40 -8.17
C GLN C 86 3.68 20.59 -7.37
N MET C 87 4.44 21.67 -7.27
CA MET C 87 4.06 22.87 -6.49
C MET C 87 3.93 24.05 -7.46
N ASN C 88 2.69 24.46 -7.76
CA ASN C 88 2.38 25.61 -8.63
C ASN C 88 1.90 26.77 -7.73
N SER C 89 1.91 28.00 -8.25
CA SER C 89 1.50 29.22 -7.50
C SER C 89 2.13 29.21 -6.12
N LEU C 90 3.45 29.10 -6.05
CA LEU C 90 4.18 29.09 -4.75
C LEU C 90 4.09 30.48 -4.11
N ARG C 91 3.83 30.49 -2.80
CA ARG C 91 3.65 31.72 -1.98
C ARG C 91 4.86 31.84 -1.06
N ALA C 92 5.16 33.07 -0.60
CA ALA C 92 6.20 33.38 0.42
C ALA C 92 6.11 32.38 1.58
N GLU C 93 4.91 32.12 2.11
CA GLU C 93 4.68 31.27 3.32
C GLU C 93 4.94 29.78 3.01
N ASP C 94 5.21 29.38 1.76
CA ASP C 94 5.55 27.98 1.41
C ASP C 94 7.05 27.74 1.65
N THR C 95 7.81 28.80 1.95
CA THR C 95 9.26 28.72 2.23
C THR C 95 9.45 27.81 3.43
N ALA C 96 10.23 26.74 3.25
CA ALA C 96 10.40 25.69 4.27
C ALA C 96 11.38 24.64 3.76
N VAL C 97 11.92 23.83 4.68
CA VAL C 97 12.55 22.53 4.35
C VAL C 97 11.40 21.53 4.14
N TYR C 98 11.38 20.88 2.98
CA TYR C 98 10.39 19.83 2.62
C TYR C 98 11.04 18.46 2.77
N TYR C 99 10.45 17.65 3.64
CA TYR C 99 10.81 16.22 3.85
C TYR C 99 9.77 15.36 3.15
N CYS C 100 10.22 14.35 2.43
CA CYS C 100 9.36 13.18 2.12
C CYS C 100 9.59 12.17 3.24
N ALA C 101 8.56 11.38 3.53
CA ALA C 101 8.55 10.40 4.62
C ALA C 101 7.84 9.14 4.13
N ARG C 102 8.34 8.00 4.58
CA ARG C 102 7.65 6.69 4.42
C ARG C 102 6.53 6.65 5.43
N LEU C 103 5.28 6.70 4.95
CA LEU C 103 4.04 6.61 5.76
C LEU C 103 3.60 5.15 5.80
N ARG C 104 3.38 4.60 6.99
CA ARG C 104 2.97 3.19 7.19
C ARG C 104 1.80 3.09 8.16
N ALA C 105 1.09 1.98 8.11
CA ALA C 105 -0.05 1.68 9.02
C ALA C 105 0.11 0.25 9.52
N ASP C 106 0.23 0.10 10.84
CA ASP C 106 0.06 -1.20 11.55
C ASP C 106 -1.34 -1.15 12.16
N LEU C 107 -1.44 -0.86 13.47
CA LEU C 107 -2.74 -0.49 14.10
C LEU C 107 -3.12 0.91 13.64
N GLY C 108 -2.16 1.84 13.63
CA GLY C 108 -2.37 3.24 13.19
C GLY C 108 -1.29 3.69 12.22
N LEU C 109 -1.26 4.99 11.91
CA LEU C 109 -0.31 5.62 10.95
C LEU C 109 0.95 6.10 11.68
N TYR C 110 2.10 5.99 11.02
CA TYR C 110 3.41 6.47 11.50
C TYR C 110 4.34 6.68 10.30
N MET C 111 5.31 7.59 10.47
CA MET C 111 6.33 7.88 9.45
C MET C 111 7.68 7.44 10.00
N ASP C 112 8.19 6.31 9.52
CA ASP C 112 9.32 5.59 10.16
C ASP C 112 10.65 5.92 9.47
N LEU C 113 10.62 6.63 8.34
CA LEU C 113 11.82 6.99 7.54
C LEU C 113 11.59 8.33 6.85
N TRP C 114 12.56 9.25 6.99
CA TRP C 114 12.49 10.64 6.46
C TRP C 114 13.69 10.90 5.57
N GLY C 115 13.46 11.55 4.42
CA GLY C 115 14.54 12.14 3.59
C GLY C 115 15.27 13.23 4.35
N ARG C 116 16.40 13.69 3.83
CA ARG C 116 17.30 14.67 4.53
C ARG C 116 16.66 16.06 4.49
N GLY C 117 15.72 16.28 3.58
CA GLY C 117 15.01 17.57 3.40
C GLY C 117 15.65 18.37 2.28
N THR C 118 14.86 19.18 1.59
CA THR C 118 15.32 20.08 0.50
C THR C 118 14.71 21.46 0.77
N LEU C 119 15.52 22.52 0.71
CA LEU C 119 15.07 23.89 1.03
C LEU C 119 14.32 24.45 -0.18
N VAL C 120 13.06 24.83 0.01
CA VAL C 120 12.24 25.59 -0.97
C VAL C 120 12.18 27.05 -0.48
N THR C 121 12.72 27.98 -1.25
CA THR C 121 12.73 29.44 -0.94
C THR C 121 11.86 30.15 -1.97
N VAL C 122 10.81 30.83 -1.50
CA VAL C 122 9.87 31.60 -2.36
C VAL C 122 10.06 33.07 -2.03
N SER C 123 10.68 33.83 -2.92
CA SER C 123 11.13 35.23 -2.69
C SER C 123 11.28 35.94 -4.03
N SER C 124 11.01 37.26 -4.05
CA SER C 124 11.24 38.15 -5.22
C SER C 124 12.73 38.53 -5.29
N ALA C 125 13.46 38.45 -4.18
CA ALA C 125 14.94 38.66 -4.14
C ALA C 125 15.59 37.55 -4.96
N SER C 126 16.53 37.90 -5.84
CA SER C 126 17.27 36.91 -6.65
C SER C 126 18.49 36.42 -5.84
N THR C 127 19.05 35.29 -6.24
CA THR C 127 20.23 34.68 -5.57
C THR C 127 21.35 35.70 -5.60
N LYS C 128 22.21 35.69 -4.58
CA LYS C 128 23.40 36.57 -4.53
C LYS C 128 24.57 35.77 -3.94
N GLY C 129 25.68 35.70 -4.67
CA GLY C 129 26.89 35.00 -4.23
C GLY C 129 27.62 35.81 -3.17
N PRO C 130 28.34 35.14 -2.22
CA PRO C 130 28.99 35.85 -1.14
C PRO C 130 30.23 36.62 -1.62
N SER C 131 30.56 37.72 -0.92
CA SER C 131 31.94 38.28 -0.86
C SER C 131 32.70 37.48 0.19
N VAL C 132 33.92 37.07 -0.11
CA VAL C 132 34.76 36.28 0.82
C VAL C 132 35.97 37.13 1.20
N PHE C 133 36.11 37.43 2.49
CA PHE C 133 37.20 38.27 3.04
C PHE C 133 38.05 37.42 3.98
N PRO C 134 39.39 37.54 3.90
CA PRO C 134 40.26 36.82 4.84
C PRO C 134 40.20 37.47 6.21
N LEU C 135 40.06 36.67 7.26
CA LEU C 135 40.25 37.09 8.67
C LEU C 135 41.69 36.69 9.07
N ALA C 136 42.62 37.65 8.94
CA ALA C 136 44.07 37.40 9.05
C ALA C 136 44.40 37.05 10.50
N PRO C 137 45.38 36.15 10.74
CA PRO C 137 45.89 35.95 12.10
C PRO C 137 46.60 37.23 12.56
N SER C 138 46.29 37.69 13.78
CA SER C 138 46.74 38.98 14.36
C SER C 138 48.13 38.81 15.00
N SER C 139 48.87 39.92 15.14
CA SER C 139 50.30 39.99 15.55
C SER C 139 50.49 39.75 17.06
N LYS C 140 49.40 39.50 17.80
CA LYS C 140 49.43 39.15 19.25
C LYS C 140 48.87 37.74 19.46
N SER C 141 47.68 37.45 18.92
CA SER C 141 47.00 36.12 18.98
C SER C 141 47.98 34.99 18.59
N THR C 142 48.92 35.29 17.70
CA THR C 142 49.91 34.35 17.10
C THR C 142 50.87 33.76 18.15
N SER C 143 51.91 34.51 18.54
CA SER C 143 53.19 34.01 19.13
C SER C 143 52.98 32.91 20.18
N GLY C 144 51.88 32.92 20.95
CA GLY C 144 51.65 32.06 22.12
C GLY C 144 51.15 30.66 21.77
N GLY C 145 51.58 30.08 20.64
CA GLY C 145 51.45 28.64 20.36
C GLY C 145 50.38 28.35 19.31
N THR C 146 49.28 29.08 19.34
CA THR C 146 48.20 28.95 18.33
C THR C 146 47.76 30.34 17.85
N ALA C 147 47.20 30.39 16.65
CA ALA C 147 46.61 31.60 16.06
C ALA C 147 45.23 31.25 15.51
N ALA C 148 44.30 32.20 15.57
CA ALA C 148 42.98 32.11 14.92
C ALA C 148 43.08 32.83 13.59
N LEU C 149 42.70 32.17 12.51
CA LEU C 149 42.51 32.81 11.19
C LEU C 149 41.21 32.25 10.61
N GLY C 150 40.65 32.92 9.61
CA GLY C 150 39.35 32.48 9.08
C GLY C 150 39.01 33.21 7.81
N CYS C 151 37.78 33.00 7.34
N CYS C 151 37.79 33.00 7.31
CA CYS C 151 37.21 33.72 6.17
CA CYS C 151 37.25 33.77 6.17
C CYS C 151 35.80 34.19 6.54
C CYS C 151 35.80 34.18 6.49
N LEU C 152 35.50 35.46 6.24
CA LEU C 152 34.16 36.06 6.39
C LEU C 152 33.43 35.84 5.07
N VAL C 153 32.30 35.16 5.10
CA VAL C 153 31.48 34.83 3.88
C VAL C 153 30.25 35.73 3.97
N LYS C 154 30.28 36.85 3.25
CA LYS C 154 29.42 38.03 3.50
C LYS C 154 28.37 38.18 2.40
N ASP C 155 27.12 38.44 2.81
CA ASP C 155 26.06 38.98 1.91
C ASP C 155 25.75 37.98 0.80
N TYR C 156 25.23 36.80 1.16
CA TYR C 156 24.74 35.81 0.18
C TYR C 156 23.26 35.52 0.45
N PHE C 157 22.56 35.02 -0.56
CA PHE C 157 21.16 34.54 -0.47
C PHE C 157 20.87 33.56 -1.61
N PRO C 158 20.13 32.45 -1.36
CA PRO C 158 19.76 32.02 0.00
C PRO C 158 20.83 31.10 0.58
N GLU C 159 20.52 30.45 1.71
CA GLU C 159 21.29 29.28 2.24
C GLU C 159 21.15 28.13 1.23
N PRO C 160 22.08 27.16 1.18
CA PRO C 160 23.27 27.11 2.03
C PRO C 160 24.56 27.56 1.35
N VAL C 161 25.64 27.61 2.13
CA VAL C 161 27.02 27.81 1.63
C VAL C 161 27.89 26.72 2.24
N THR C 162 28.92 26.25 1.54
CA THR C 162 29.90 25.30 2.13
C THR C 162 31.27 25.96 2.19
N VAL C 163 31.98 25.70 3.28
CA VAL C 163 33.39 26.16 3.47
C VAL C 163 34.23 24.93 3.82
N SER C 164 35.31 24.71 3.07
CA SER C 164 36.39 23.77 3.42
C SER C 164 37.70 24.57 3.49
N TRP C 165 38.76 23.95 3.99
CA TRP C 165 40.10 24.57 4.08
C TRP C 165 41.12 23.68 3.37
N ASN C 166 41.99 24.27 2.55
CA ASN C 166 43.11 23.60 1.85
C ASN C 166 42.53 22.39 1.09
N SER C 167 41.39 22.61 0.41
CA SER C 167 40.69 21.62 -0.46
C SER C 167 40.41 20.32 0.31
N GLY C 168 39.94 20.43 1.56
CA GLY C 168 39.51 19.30 2.40
C GLY C 168 40.64 18.71 3.22
N ALA C 169 41.89 19.14 2.99
CA ALA C 169 43.10 18.63 3.68
C ALA C 169 43.07 19.02 5.17
N LEU C 170 42.51 20.21 5.49
CA LEU C 170 42.53 20.78 6.86
C LEU C 170 41.14 20.67 7.48
N THR C 171 41.01 19.87 8.54
CA THR C 171 39.73 19.58 9.26
C THR C 171 39.86 19.84 10.76
N SER C 172 41.03 19.58 11.35
CA SER C 172 41.32 19.82 12.79
C SER C 172 41.37 21.33 13.05
N GLY C 173 40.69 21.79 14.11
CA GLY C 173 40.68 23.20 14.54
C GLY C 173 39.67 24.04 13.77
N VAL C 174 38.98 23.47 12.77
CA VAL C 174 38.01 24.19 11.89
C VAL C 174 36.69 24.30 12.63
N HIS C 175 36.15 25.52 12.72
N HIS C 175 36.12 25.50 12.71
CA HIS C 175 34.81 25.83 13.28
CA HIS C 175 34.79 25.79 13.29
C HIS C 175 34.14 26.80 12.32
C HIS C 175 34.05 26.81 12.42
N THR C 176 33.13 26.33 11.59
CA THR C 176 32.24 27.14 10.72
C THR C 176 31.00 27.49 11.54
N PHE C 177 30.77 28.77 11.81
CA PHE C 177 29.67 29.27 12.67
C PHE C 177 28.38 29.30 11.85
N PRO C 178 27.22 28.98 12.47
CA PRO C 178 25.93 29.23 11.84
C PRO C 178 25.87 30.67 11.30
N ALA C 179 25.16 30.87 10.19
CA ALA C 179 25.03 32.18 9.51
C ALA C 179 24.15 33.10 10.36
N VAL C 180 24.42 34.40 10.30
CA VAL C 180 23.49 35.46 10.79
C VAL C 180 22.64 35.87 9.58
N LEU C 181 21.34 36.05 9.79
CA LEU C 181 20.45 36.69 8.77
C LEU C 181 20.43 38.19 9.07
N GLN C 182 21.03 39.00 8.21
CA GLN C 182 21.10 40.48 8.38
C GLN C 182 19.71 41.05 8.06
N SER C 183 19.41 42.27 8.51
CA SER C 183 18.10 42.94 8.29
C SER C 183 17.89 43.16 6.79
N SER C 184 19.00 43.31 6.06
CA SER C 184 19.09 43.41 4.57
C SER C 184 18.50 42.17 3.87
N GLY C 185 18.26 41.08 4.60
CA GLY C 185 17.72 39.81 4.06
C GLY C 185 18.82 38.93 3.50
N LEU C 186 20.08 39.33 3.64
CA LEU C 186 21.27 38.57 3.17
C LEU C 186 21.98 37.94 4.39
N TYR C 187 22.55 36.76 4.17
CA TYR C 187 23.24 35.95 5.20
C TYR C 187 24.72 36.32 5.19
N SER C 188 25.35 36.18 6.35
CA SER C 188 26.82 36.19 6.51
C SER C 188 27.19 35.04 7.46
N LEU C 189 28.34 34.41 7.23
CA LEU C 189 28.92 33.51 8.26
C LEU C 189 30.42 33.62 8.23
N SER C 190 31.05 33.14 9.30
CA SER C 190 32.52 33.06 9.45
C SER C 190 32.92 31.60 9.66
N SER C 191 34.04 31.22 9.07
CA SER C 191 34.73 29.94 9.32
C SER C 191 36.11 30.28 9.86
N VAL C 192 36.42 29.79 11.06
CA VAL C 192 37.70 30.06 11.77
C VAL C 192 38.43 28.74 11.96
N VAL C 193 39.73 28.75 11.79
CA VAL C 193 40.61 27.58 12.08
C VAL C 193 41.69 28.05 13.06
N THR C 194 41.87 27.28 14.15
CA THR C 194 42.96 27.43 15.12
C THR C 194 44.11 26.54 14.64
N VAL C 195 45.28 27.12 14.39
CA VAL C 195 46.45 26.44 13.77
C VAL C 195 47.68 26.76 14.61
N PRO C 196 48.73 25.91 14.57
CA PRO C 196 50.00 26.24 15.21
C PRO C 196 50.57 27.55 14.65
N SER C 197 51.08 28.42 15.54
CA SER C 197 51.61 29.75 15.19
C SER C 197 52.99 29.64 14.51
N SER C 198 53.68 28.50 14.63
CA SER C 198 54.98 28.24 13.95
C SER C 198 54.74 27.98 12.45
N SER C 199 53.56 27.47 12.08
CA SER C 199 53.19 27.10 10.69
C SER C 199 52.83 28.33 9.83
N LEU C 200 52.66 29.51 10.42
CA LEU C 200 52.12 30.71 9.72
C LEU C 200 53.10 31.20 8.65
N GLY C 201 54.41 31.10 8.89
CA GLY C 201 55.44 31.48 7.91
C GLY C 201 55.41 30.56 6.69
N THR C 202 55.30 29.25 6.94
CA THR C 202 55.53 28.17 5.94
C THR C 202 54.19 27.75 5.31
N GLN C 203 53.26 27.23 6.12
CA GLN C 203 52.00 26.56 5.68
C GLN C 203 51.02 27.58 5.09
N THR C 204 50.41 27.24 3.95
CA THR C 204 49.41 28.07 3.23
C THR C 204 48.00 27.70 3.72
N TYR C 205 47.15 28.70 3.93
CA TYR C 205 45.73 28.51 4.35
C TYR C 205 44.81 29.16 3.31
N ILE C 206 44.00 28.32 2.65
CA ILE C 206 43.00 28.68 1.60
C ILE C 206 41.63 28.19 2.09
N CYS C 207 40.67 29.11 2.25
N CYS C 207 40.67 29.10 2.26
CA CYS C 207 39.25 28.77 2.50
CA CYS C 207 39.27 28.72 2.54
C CYS C 207 38.54 28.64 1.15
C CYS C 207 38.53 28.64 1.19
N ASN C 208 37.89 27.50 0.92
CA ASN C 208 37.20 27.17 -0.35
C ASN C 208 35.70 27.36 -0.10
N VAL C 209 35.10 28.39 -0.69
CA VAL C 209 33.69 28.74 -0.45
C VAL C 209 32.91 28.36 -1.69
N ASN C 210 31.80 27.65 -1.49
CA ASN C 210 30.89 27.20 -2.57
C ASN C 210 29.48 27.66 -2.24
N HIS C 211 28.87 28.46 -3.12
CA HIS C 211 27.46 28.91 -3.02
C HIS C 211 26.75 28.41 -4.28
N LYS C 212 26.26 27.16 -4.20
CA LYS C 212 25.58 26.42 -5.30
C LYS C 212 24.43 27.26 -5.86
N PRO C 213 23.56 27.87 -5.02
CA PRO C 213 22.39 28.59 -5.55
C PRO C 213 22.74 29.70 -6.55
N SER C 214 23.88 30.37 -6.39
CA SER C 214 24.38 31.44 -7.29
C SER C 214 25.48 30.91 -8.21
N ASN C 215 25.72 29.59 -8.20
CA ASN C 215 26.86 28.94 -8.90
C ASN C 215 28.11 29.79 -8.67
N THR C 216 28.41 30.14 -7.42
CA THR C 216 29.59 30.96 -7.00
C THR C 216 30.59 30.07 -6.28
N LYS C 217 31.85 30.10 -6.71
CA LYS C 217 32.99 29.33 -6.14
C LYS C 217 34.14 30.31 -5.92
N VAL C 218 34.60 30.45 -4.68
CA VAL C 218 35.71 31.40 -4.33
C VAL C 218 36.73 30.65 -3.47
N ASP C 219 38.00 30.74 -3.84
CA ASP C 219 39.16 30.33 -3.00
C ASP C 219 39.84 31.61 -2.54
N LYS C 220 39.94 31.79 -1.22
CA LYS C 220 40.59 33.00 -0.63
C LYS C 220 41.76 32.55 0.23
N ARG C 221 42.97 32.98 -0.13
CA ARG C 221 44.21 32.75 0.65
C ARG C 221 44.20 33.69 1.86
N VAL C 222 44.40 33.15 3.05
CA VAL C 222 44.42 33.90 4.35
C VAL C 222 45.86 33.88 4.85
N GLU C 223 46.54 35.02 4.79
CA GLU C 223 47.96 35.16 5.21
C GLU C 223 48.07 36.24 6.28
N PRO C 224 49.16 36.23 7.09
CA PRO C 224 49.37 37.28 8.09
C PRO C 224 49.52 38.65 7.43
N LYS C 225 49.15 39.73 8.13
CA LYS C 225 49.00 41.11 7.56
C LYS C 225 50.29 41.53 6.83
N SER D 6 -0.08 24.61 15.10
CA SER D 6 -0.19 23.13 15.27
C SER D 6 -1.53 22.78 15.93
N VAL D 7 -2.12 21.65 15.55
CA VAL D 7 -3.49 21.23 15.98
C VAL D 7 -3.42 20.57 17.36
N LEU D 8 -2.28 19.94 17.70
CA LEU D 8 -2.01 19.32 19.03
C LEU D 8 -1.16 20.27 19.88
N THR D 9 -1.33 20.24 21.20
CA THR D 9 -0.67 21.15 22.17
C THR D 9 0.34 20.37 23.01
N GLN D 10 1.62 20.75 22.93
CA GLN D 10 2.69 20.26 23.84
C GLN D 10 3.26 21.45 24.60
N PRO D 11 3.81 21.27 25.81
CA PRO D 11 4.58 22.33 26.45
C PRO D 11 5.80 22.66 25.59
N PRO D 12 6.19 23.96 25.47
CA PRO D 12 7.39 24.35 24.72
C PRO D 12 8.70 23.65 25.13
N SER D 13 8.92 23.42 26.43
CA SER D 13 10.20 22.91 26.99
C SER D 13 10.01 22.09 28.26
N VAL D 14 10.90 21.13 28.50
CA VAL D 14 11.05 20.35 29.78
C VAL D 14 12.54 20.19 30.08
N SER D 15 12.90 19.87 31.32
CA SER D 15 14.31 19.76 31.79
C SER D 15 14.43 18.88 33.05
N ALA D 16 15.63 18.30 33.24
CA ALA D 16 16.04 17.44 34.37
C ALA D 16 17.53 17.11 34.24
N ALA D 17 18.18 16.70 35.33
CA ALA D 17 19.62 16.32 35.36
C ALA D 17 19.75 14.87 34.86
N PRO D 18 20.96 14.45 34.42
CA PRO D 18 21.17 13.08 33.92
C PRO D 18 20.64 12.01 34.88
N GLY D 19 20.23 10.86 34.31
CA GLY D 19 19.92 9.63 35.05
C GLY D 19 18.51 9.60 35.62
N GLN D 20 17.80 10.73 35.70
CA GLN D 20 16.41 10.77 36.24
C GLN D 20 15.42 10.73 35.06
N LYS D 21 14.14 11.08 35.30
CA LYS D 21 13.02 10.88 34.34
C LYS D 21 12.33 12.22 34.02
N VAL D 22 11.65 12.28 32.87
CA VAL D 22 10.81 13.42 32.41
C VAL D 22 9.62 12.89 31.59
N THR D 23 8.49 13.60 31.61
CA THR D 23 7.26 13.29 30.83
C THR D 23 6.95 14.46 29.89
N ILE D 24 6.55 14.16 28.65
CA ILE D 24 6.10 15.16 27.65
C ILE D 24 4.66 14.81 27.24
N SER D 25 3.72 15.69 27.62
CA SER D 25 2.28 15.56 27.35
C SER D 25 1.99 16.06 25.93
N CYS D 26 0.95 15.52 25.31
CA CYS D 26 0.43 15.90 23.98
C CYS D 26 -1.09 15.93 24.07
N SER D 27 -1.69 17.12 23.98
CA SER D 27 -3.14 17.37 24.20
C SER D 27 -3.85 17.58 22.86
N GLY D 28 -4.98 16.92 22.66
CA GLY D 28 -5.75 16.96 21.39
C GLY D 28 -7.24 16.94 21.64
N SER D 29 -7.99 16.33 20.71
CA SER D 29 -9.47 16.23 20.76
C SER D 29 -9.89 14.80 20.39
N SER D 30 -11.20 14.54 20.39
CA SER D 30 -11.79 13.20 20.13
C SER D 30 -11.47 12.76 18.70
N SER D 31 -11.48 13.69 17.73
CA SER D 31 -11.30 13.40 16.28
C SER D 31 -9.84 13.05 15.94
N ASN D 32 -8.87 13.41 16.80
CA ASN D 32 -7.44 13.05 16.60
C ASN D 32 -7.03 12.02 17.66
N ILE D 33 -6.38 12.45 18.75
CA ILE D 33 -5.79 11.57 19.79
C ILE D 33 -6.88 10.68 20.41
N GLY D 34 -8.08 11.23 20.62
CA GLY D 34 -9.24 10.51 21.17
C GLY D 34 -9.45 9.15 20.52
N ASN D 35 -9.37 9.08 19.19
CA ASN D 35 -9.80 7.89 18.40
C ASN D 35 -8.66 7.31 17.55
N HIS D 36 -7.44 7.87 17.61
CA HIS D 36 -6.33 7.46 16.71
C HIS D 36 -5.01 7.27 17.47
N TYR D 37 -4.08 6.57 16.81
CA TYR D 37 -2.79 6.14 17.39
C TYR D 37 -1.77 7.27 17.28
N VAL D 38 -1.01 7.47 18.34
CA VAL D 38 -0.04 8.60 18.47
C VAL D 38 1.37 8.07 18.18
N SER D 39 2.14 8.82 17.39
CA SER D 39 3.59 8.61 17.16
C SER D 39 4.38 9.75 17.81
N TRP D 40 5.63 9.47 18.18
CA TRP D 40 6.56 10.47 18.76
C TRP D 40 7.84 10.53 17.91
N TYR D 41 8.24 11.74 17.54
CA TYR D 41 9.39 12.03 16.65
C TYR D 41 10.41 12.86 17.44
N GLN D 42 11.68 12.46 17.35
CA GLN D 42 12.85 13.16 17.93
C GLN D 42 13.56 13.89 16.78
N GLN D 43 13.70 15.21 16.87
CA GLN D 43 14.46 16.02 15.89
C GLN D 43 15.64 16.70 16.59
N LEU D 44 16.86 16.30 16.21
CA LEU D 44 18.12 16.99 16.59
C LEU D 44 18.27 18.24 15.71
N PRO D 45 18.93 19.30 16.19
CA PRO D 45 19.13 20.53 15.40
C PRO D 45 19.60 20.29 13.96
N GLY D 46 18.86 20.84 12.99
CA GLY D 46 19.22 20.87 11.56
C GLY D 46 19.28 19.48 10.94
N THR D 47 18.55 18.51 11.47
CA THR D 47 18.39 17.14 10.89
C THR D 47 16.90 16.79 10.77
N ALA D 48 16.59 15.72 10.03
CA ALA D 48 15.23 15.21 9.82
C ALA D 48 14.70 14.60 11.12
N PRO D 49 13.39 14.67 11.38
CA PRO D 49 12.77 13.96 12.49
C PRO D 49 13.08 12.46 12.41
N LYS D 50 13.13 11.80 13.56
CA LYS D 50 13.35 10.34 13.69
C LYS D 50 12.20 9.75 14.50
N LEU D 51 11.58 8.67 14.01
CA LEU D 51 10.51 7.97 14.73
C LEU D 51 11.12 7.27 15.96
N LEU D 52 10.57 7.55 17.15
CA LEU D 52 10.89 6.85 18.42
C LEU D 52 9.79 5.84 18.74
N ILE D 53 8.53 6.29 18.73
CA ILE D 53 7.35 5.52 19.22
C ILE D 53 6.22 5.65 18.20
N TYR D 54 5.59 4.53 17.84
CA TYR D 54 4.40 4.46 16.95
C TYR D 54 3.34 3.60 17.65
N ASP D 55 2.08 3.72 17.21
CA ASP D 55 0.93 2.95 17.76
C ASP D 55 0.88 3.13 19.28
N ASN D 56 1.03 4.36 19.76
CA ASN D 56 0.92 4.77 21.20
C ASN D 56 2.18 4.37 21.99
N SER D 57 2.60 3.09 21.96
CA SER D 57 3.57 2.50 22.93
C SER D 57 4.63 1.63 22.27
N GLU D 58 4.63 1.41 20.94
CA GLU D 58 5.61 0.51 20.28
C GLU D 58 6.90 1.29 19.97
N ARG D 59 8.04 0.73 20.35
CA ARG D 59 9.38 1.34 20.10
C ARG D 59 9.87 0.87 18.74
N THR D 60 10.38 1.79 17.91
CA THR D 60 11.09 1.49 16.65
C THR D 60 12.36 0.68 16.97
N ALA D 61 12.84 -0.10 16.01
CA ALA D 61 14.08 -0.91 16.12
C ALA D 61 15.24 -0.01 16.56
N GLY D 62 16.02 -0.45 17.55
CA GLY D 62 17.21 0.26 18.05
C GLY D 62 16.90 1.21 19.19
N VAL D 63 15.64 1.64 19.36
CA VAL D 63 15.22 2.58 20.43
C VAL D 63 15.10 1.79 21.75
N PRO D 64 15.79 2.22 22.83
CA PRO D 64 15.79 1.48 24.09
C PRO D 64 14.54 1.71 24.97
N ASP D 65 14.40 0.88 26.00
CA ASP D 65 13.21 0.78 26.90
C ASP D 65 12.97 2.09 27.66
N ARG D 66 14.03 2.86 27.94
CA ARG D 66 13.98 4.15 28.67
C ARG D 66 12.91 5.07 28.07
N PHE D 67 12.73 5.00 26.75
CA PHE D 67 11.67 5.70 26.00
C PHE D 67 10.39 4.87 26.05
N SER D 68 9.30 5.46 26.55
CA SER D 68 7.97 4.80 26.66
C SER D 68 6.87 5.80 26.33
N GLY D 69 5.81 5.32 25.69
CA GLY D 69 4.63 6.10 25.30
C GLY D 69 3.36 5.47 25.84
N SER D 70 2.42 6.29 26.28
CA SER D 70 1.04 5.89 26.68
C SER D 70 0.03 6.87 26.07
N LYS D 71 -1.23 6.46 26.04
CA LYS D 71 -2.38 7.33 25.66
C LYS D 71 -3.50 7.15 26.68
N SER D 72 -4.14 8.25 27.08
CA SER D 72 -5.34 8.26 27.97
C SER D 72 -6.31 9.34 27.49
N GLY D 73 -7.44 8.92 26.91
CA GLY D 73 -8.47 9.82 26.37
C GLY D 73 -7.95 10.61 25.20
N THR D 74 -7.91 11.93 25.31
CA THR D 74 -7.48 12.86 24.25
C THR D 74 -6.05 13.36 24.52
N SER D 75 -5.33 12.71 25.45
CA SER D 75 -3.92 13.04 25.79
C SER D 75 -3.01 11.84 25.50
N ALA D 76 -1.77 12.12 25.11
CA ALA D 76 -0.69 11.13 24.99
C ALA D 76 0.53 11.64 25.76
N THR D 77 1.35 10.73 26.26
CA THR D 77 2.55 11.04 27.09
C THR D 77 3.74 10.26 26.54
N LEU D 78 4.87 10.95 26.36
CA LEU D 78 6.20 10.34 26.14
C LEU D 78 6.97 10.41 27.47
N GLY D 79 7.39 9.25 27.98
CA GLY D 79 8.24 9.13 29.17
C GLY D 79 9.68 8.82 28.76
N ILE D 80 10.63 9.56 29.32
CA ILE D 80 12.10 9.33 29.11
C ILE D 80 12.75 9.20 30.49
N THR D 81 13.27 8.01 30.82
CA THR D 81 14.04 7.71 32.05
C THR D 81 15.53 7.58 31.67
N GLY D 82 16.40 7.40 32.68
CA GLY D 82 17.86 7.30 32.50
C GLY D 82 18.38 8.39 31.58
N LEU D 83 17.98 9.64 31.82
CA LEU D 83 18.23 10.80 30.93
C LEU D 83 19.72 10.91 30.60
N GLN D 84 20.07 10.93 29.31
CA GLN D 84 21.43 11.22 28.78
C GLN D 84 21.41 12.61 28.15
N THR D 85 22.57 13.25 28.01
CA THR D 85 22.69 14.59 27.34
C THR D 85 22.36 14.40 25.85
N GLY D 86 22.66 13.22 25.29
CA GLY D 86 22.27 12.80 23.94
C GLY D 86 20.78 12.93 23.68
N ASP D 87 19.94 12.93 24.73
CA ASP D 87 18.46 12.99 24.64
C ASP D 87 17.99 14.42 24.36
N GLU D 88 18.88 15.42 24.43
CA GLU D 88 18.53 16.83 24.10
C GLU D 88 18.10 16.91 22.63
N ALA D 89 16.85 17.31 22.38
CA ALA D 89 16.24 17.36 21.02
C ALA D 89 14.86 18.03 21.10
N ASP D 90 14.25 18.29 19.94
CA ASP D 90 12.80 18.66 19.85
C ASP D 90 12.00 17.37 19.68
N TYR D 91 10.96 17.21 20.50
CA TYR D 91 10.05 16.03 20.50
C TYR D 91 8.68 16.49 19.97
N TYR D 92 8.17 15.76 18.99
CA TYR D 92 6.86 16.01 18.34
C TYR D 92 6.00 14.76 18.46
N CYS D 93 4.76 14.93 18.92
CA CYS D 93 3.69 13.90 18.80
C CYS D 93 3.01 14.11 17.45
N GLY D 94 2.54 13.03 16.84
CA GLY D 94 1.75 13.07 15.60
C GLY D 94 0.60 12.09 15.66
N THR D 95 -0.46 12.36 14.91
CA THR D 95 -1.62 11.45 14.76
C THR D 95 -2.43 11.84 13.53
N TRP D 96 -3.47 11.07 13.26
CA TRP D 96 -4.47 11.34 12.19
C TRP D 96 -5.63 12.11 12.81
N ASP D 97 -6.20 13.04 12.07
CA ASP D 97 -7.42 13.78 12.46
C ASP D 97 -8.50 13.43 11.44
N GLU D 98 -9.52 12.66 11.85
CA GLU D 98 -10.60 12.15 10.95
C GLU D 98 -11.55 13.29 10.56
N LEU D 99 -11.58 14.38 11.32
CA LEU D 99 -12.46 15.55 11.01
C LEU D 99 -11.95 16.26 9.75
N THR D 100 -10.64 16.55 9.68
CA THR D 100 -10.01 17.32 8.58
C THR D 100 -9.34 16.39 7.55
N SER D 101 -9.25 15.09 7.84
CA SER D 101 -8.46 14.11 7.05
C SER D 101 -7.04 14.65 6.85
N ASN D 102 -6.39 15.08 7.94
CA ASN D 102 -4.99 15.58 7.95
C ASN D 102 -4.16 14.70 8.90
N LEU D 103 -2.88 14.51 8.58
CA LEU D 103 -1.89 14.15 9.62
C LEU D 103 -1.56 15.43 10.38
N VAL D 104 -1.58 15.38 11.71
CA VAL D 104 -1.42 16.56 12.60
C VAL D 104 -0.24 16.30 13.52
N PHE D 105 0.35 17.38 14.04
CA PHE D 105 1.57 17.38 14.88
C PHE D 105 1.35 18.30 16.08
N GLY D 106 2.03 18.01 17.19
CA GLY D 106 2.26 18.99 18.27
C GLY D 106 3.21 20.07 17.81
N GLY D 107 3.22 21.22 18.48
CA GLY D 107 4.12 22.35 18.19
C GLY D 107 5.57 22.02 18.53
N GLY D 108 5.80 20.98 19.35
CA GLY D 108 7.15 20.50 19.71
C GLY D 108 7.49 20.84 21.15
N THR D 109 8.31 20.00 21.80
CA THR D 109 8.85 20.21 23.16
C THR D 109 10.37 20.11 23.10
N LYS D 110 11.09 21.15 23.52
CA LYS D 110 12.57 21.18 23.67
C LYS D 110 12.95 20.54 25.00
N LEU D 111 13.70 19.44 24.98
CA LEU D 111 14.21 18.73 26.18
C LEU D 111 15.63 19.22 26.47
N THR D 112 15.86 19.74 27.68
CA THR D 112 17.18 20.18 28.20
C THR D 112 17.66 19.22 29.29
N VAL D 113 18.93 18.83 29.25
CA VAL D 113 19.60 18.05 30.33
C VAL D 113 20.45 19.04 31.14
N LEU D 114 20.14 19.18 32.44
CA LEU D 114 20.76 20.15 33.39
C LEU D 114 22.04 19.56 33.99
N GLY D 115 22.70 20.33 34.85
CA GLY D 115 23.84 19.88 35.67
C GLY D 115 25.04 19.49 34.82
N GLN D 116 25.06 19.84 33.54
CA GLN D 116 26.29 19.77 32.70
C GLN D 116 27.22 20.87 33.18
N PRO D 117 28.56 20.66 33.12
CA PRO D 117 29.50 21.64 33.66
C PRO D 117 29.33 22.99 32.95
N LYS D 118 29.12 24.06 33.72
CA LYS D 118 29.09 25.45 33.17
C LYS D 118 30.50 25.77 32.66
N ALA D 119 30.59 26.53 31.57
CA ALA D 119 31.86 26.96 30.93
C ALA D 119 31.68 28.38 30.38
N ALA D 120 32.68 29.25 30.61
CA ALA D 120 32.71 30.64 30.11
C ALA D 120 33.05 30.63 28.62
N PRO D 121 32.56 31.62 27.84
CA PRO D 121 32.82 31.66 26.39
C PRO D 121 34.25 32.05 26.01
N SER D 122 34.86 31.31 25.07
CA SER D 122 36.04 31.73 24.27
C SER D 122 35.59 32.78 23.25
N VAL D 123 36.24 33.94 23.25
CA VAL D 123 35.92 35.08 22.34
C VAL D 123 37.14 35.37 21.46
N THR D 124 36.94 35.38 20.15
CA THR D 124 37.92 35.85 19.14
C THR D 124 37.28 37.02 18.39
N LEU D 125 37.95 38.18 18.41
CA LEU D 125 37.47 39.39 17.69
C LEU D 125 38.40 39.70 16.52
N PHE D 126 37.85 39.81 15.32
CA PHE D 126 38.59 40.13 14.09
C PHE D 126 38.26 41.55 13.64
N PRO D 127 39.29 42.33 13.25
CA PRO D 127 39.08 43.64 12.65
C PRO D 127 38.69 43.52 11.18
N PRO D 128 38.31 44.63 10.52
CA PRO D 128 38.04 44.60 9.08
C PRO D 128 39.31 44.26 8.29
N SER D 129 39.17 43.41 7.27
CA SER D 129 40.24 43.07 6.29
C SER D 129 40.58 44.30 5.47
N SER D 130 41.86 44.47 5.09
CA SER D 130 42.36 45.42 4.07
C SER D 130 41.41 45.45 2.86
N GLU D 131 41.08 44.27 2.35
N GLU D 131 41.09 44.27 2.32
CA GLU D 131 40.29 44.10 1.09
CA GLU D 131 40.27 44.07 1.10
C GLU D 131 38.88 44.67 1.30
C GLU D 131 38.86 44.65 1.29
N GLU D 132 38.27 44.50 2.48
CA GLU D 132 36.90 45.02 2.77
C GLU D 132 36.95 46.54 2.87
N LEU D 133 37.97 47.08 3.54
CA LEU D 133 38.18 48.54 3.72
C LEU D 133 38.38 49.19 2.35
N GLN D 134 39.09 48.51 1.44
CA GLN D 134 39.32 48.98 0.04
C GLN D 134 37.97 49.07 -0.68
N ALA D 135 37.01 48.21 -0.34
CA ALA D 135 35.66 48.16 -0.93
C ALA D 135 34.71 49.12 -0.20
N ASN D 136 35.24 50.01 0.65
CA ASN D 136 34.45 51.05 1.37
C ASN D 136 33.43 50.41 2.31
N LYS D 137 33.83 49.33 2.98
CA LYS D 137 33.02 48.63 4.01
C LYS D 137 33.93 48.24 5.17
N ALA D 138 33.35 47.95 6.33
CA ALA D 138 34.06 47.51 7.55
C ALA D 138 33.12 46.66 8.39
N THR D 139 33.49 45.39 8.62
CA THR D 139 32.77 44.46 9.52
C THR D 139 33.75 43.98 10.59
N LEU D 140 33.38 44.17 11.86
CA LEU D 140 34.02 43.48 13.02
C LEU D 140 33.28 42.17 13.24
N VAL D 141 34.03 41.07 13.37
CA VAL D 141 33.47 39.70 13.56
C VAL D 141 33.85 39.24 14.96
N CYS D 142 32.86 39.03 15.83
CA CYS D 142 33.03 38.56 17.22
C CYS D 142 32.51 37.12 17.31
N LEU D 143 33.42 36.16 17.53
CA LEU D 143 33.11 34.71 17.53
C LEU D 143 33.21 34.14 18.95
N ILE D 144 32.10 33.55 19.40
CA ILE D 144 31.83 33.17 20.82
C ILE D 144 31.53 31.67 20.85
N SER D 145 32.35 30.87 21.55
CA SER D 145 32.26 29.39 21.55
C SER D 145 32.47 28.82 22.96
N ASP D 146 32.00 27.58 23.18
CA ASP D 146 32.29 26.71 24.34
C ASP D 146 31.70 27.29 25.63
N PHE D 147 30.48 27.81 25.57
CA PHE D 147 29.77 28.35 26.76
C PHE D 147 28.54 27.49 27.06
N TYR D 148 28.26 27.30 28.36
CA TYR D 148 27.08 26.56 28.90
C TYR D 148 26.67 27.18 30.24
N PRO D 149 25.37 27.46 30.51
CA PRO D 149 24.29 27.26 29.55
C PRO D 149 24.39 28.10 28.26
N GLY D 150 23.52 27.82 27.29
CA GLY D 150 23.54 28.41 25.94
C GLY D 150 22.83 29.74 25.89
N ALA D 151 23.27 30.71 26.69
CA ALA D 151 22.74 32.09 26.71
C ALA D 151 23.88 33.06 26.99
N VAL D 152 24.05 34.06 26.11
CA VAL D 152 25.03 35.18 26.26
C VAL D 152 24.33 36.49 25.87
N THR D 153 24.79 37.60 26.42
CA THR D 153 24.49 38.98 25.93
C THR D 153 25.79 39.56 25.36
N VAL D 154 25.68 40.30 24.26
CA VAL D 154 26.84 40.94 23.57
C VAL D 154 26.70 42.46 23.70
N ALA D 155 27.79 43.14 24.06
CA ALA D 155 27.88 44.62 24.09
C ALA D 155 29.11 45.04 23.28
N TRP D 156 28.92 45.92 22.30
CA TRP D 156 29.99 46.51 21.45
C TRP D 156 30.34 47.91 21.98
N LYS D 157 31.63 48.22 22.11
CA LYS D 157 32.14 49.55 22.53
C LYS D 157 32.99 50.13 21.40
N ALA D 158 32.84 51.42 21.11
CA ALA D 158 33.79 52.23 20.32
C ALA D 158 34.59 53.08 21.31
N ASP D 159 35.89 52.82 21.45
CA ASP D 159 36.71 53.26 22.60
C ASP D 159 36.03 52.70 23.86
N SER D 160 35.47 53.56 24.72
CA SER D 160 34.83 53.14 26.00
C SER D 160 33.29 53.19 25.90
N SER D 161 32.73 53.88 24.90
CA SER D 161 31.29 54.23 24.85
C SER D 161 30.49 53.15 24.10
N PRO D 162 29.28 52.79 24.60
CA PRO D 162 28.49 51.72 23.99
C PRO D 162 28.01 52.08 22.57
N VAL D 163 27.90 51.08 21.69
CA VAL D 163 27.36 51.24 20.30
C VAL D 163 26.34 50.13 20.06
N LYS D 164 25.09 50.52 19.80
CA LYS D 164 23.93 49.60 19.58
C LYS D 164 23.68 49.41 18.09
N ALA D 165 23.97 50.43 17.27
CA ALA D 165 23.65 50.50 15.82
C ALA D 165 24.59 49.59 15.03
N GLY D 166 24.06 48.94 13.98
CA GLY D 166 24.80 48.12 13.01
C GLY D 166 25.19 46.77 13.59
N VAL D 167 24.55 46.32 14.66
CA VAL D 167 24.84 45.02 15.32
C VAL D 167 23.89 43.94 14.77
N GLU D 168 24.44 42.81 14.37
CA GLU D 168 23.70 41.57 13.99
C GLU D 168 24.29 40.42 14.80
N THR D 169 23.50 39.80 15.67
CA THR D 169 23.93 38.67 16.56
C THR D 169 23.07 37.45 16.21
N THR D 170 23.69 36.27 16.13
CA THR D 170 22.98 34.97 15.95
C THR D 170 22.40 34.55 17.30
N THR D 171 21.38 33.70 17.28
CA THR D 171 20.93 32.89 18.44
C THR D 171 22.01 31.86 18.75
N PRO D 172 22.18 31.45 20.04
CA PRO D 172 23.13 30.39 20.38
C PRO D 172 22.75 29.04 19.74
N SER D 173 23.76 28.23 19.40
CA SER D 173 23.59 26.90 18.75
C SER D 173 24.54 25.90 19.40
N LYS D 174 24.06 24.69 19.65
CA LYS D 174 24.87 23.59 20.26
C LYS D 174 25.96 23.15 19.26
N GLN D 175 27.23 23.23 19.67
CA GLN D 175 28.40 22.64 18.95
C GLN D 175 28.34 21.11 19.11
N SER D 176 29.24 20.40 18.42
CA SER D 176 29.32 18.91 18.43
C SER D 176 29.86 18.40 19.78
N ASN D 177 30.48 19.27 20.60
CA ASN D 177 31.01 18.91 21.94
C ASN D 177 29.99 19.26 23.03
N ASN D 178 28.74 19.55 22.66
CA ASN D 178 27.58 19.75 23.58
C ASN D 178 27.67 21.10 24.30
N LYS D 179 28.56 22.00 23.85
CA LYS D 179 28.62 23.41 24.32
C LYS D 179 28.01 24.30 23.24
N TYR D 180 27.81 25.60 23.52
CA TYR D 180 27.10 26.53 22.60
C TYR D 180 28.08 27.50 21.93
N ALA D 181 27.66 28.00 20.76
CA ALA D 181 28.39 28.96 19.90
C ALA D 181 27.45 30.07 19.44
N ALA D 182 27.98 31.27 19.26
CA ALA D 182 27.26 32.42 18.66
C ALA D 182 28.29 33.33 17.97
N SER D 183 27.83 34.15 17.02
CA SER D 183 28.63 35.21 16.37
C SER D 183 27.86 36.53 16.43
N SER D 184 28.59 37.63 16.59
CA SER D 184 28.06 39.02 16.50
C SER D 184 28.92 39.79 15.49
N TYR D 185 28.26 40.54 14.61
CA TYR D 185 28.87 41.34 13.54
C TYR D 185 28.52 42.82 13.78
N LEU D 186 29.51 43.70 13.75
CA LEU D 186 29.32 45.17 13.81
C LEU D 186 29.68 45.75 12.44
N SER D 187 28.72 46.39 11.77
CA SER D 187 28.93 47.16 10.51
C SER D 187 29.36 48.58 10.85
N LEU D 188 30.43 49.06 10.23
CA LEU D 188 30.97 50.43 10.39
C LEU D 188 31.29 50.97 8.99
N THR D 189 31.42 52.30 8.88
CA THR D 189 32.08 52.96 7.72
C THR D 189 33.57 52.81 7.96
N PRO D 190 34.41 52.78 6.91
CA PRO D 190 35.86 52.86 7.10
C PRO D 190 36.28 54.08 7.93
N GLU D 191 35.54 55.18 7.83
CA GLU D 191 35.84 56.46 8.53
C GLU D 191 35.57 56.26 10.03
N GLN D 192 34.52 55.54 10.40
CA GLN D 192 34.20 55.22 11.81
C GLN D 192 35.29 54.34 12.40
N TRP D 193 35.72 53.31 11.66
CA TRP D 193 36.77 52.34 12.08
C TRP D 193 38.07 53.10 12.35
N LYS D 194 38.47 53.99 11.44
CA LYS D 194 39.74 54.77 11.48
C LYS D 194 39.72 55.82 12.60
N SER D 195 38.56 56.41 12.91
CA SER D 195 38.43 57.61 13.78
C SER D 195 38.52 57.25 15.27
N HIS D 196 38.44 55.96 15.65
CA HIS D 196 38.51 55.52 17.06
C HIS D 196 39.85 54.83 17.33
N ARG D 197 40.31 54.86 18.58
CA ARG D 197 41.57 54.21 19.02
C ARG D 197 41.39 52.70 18.99
N SER D 198 40.17 52.20 19.27
CA SER D 198 39.83 50.76 19.32
C SER D 198 38.32 50.51 19.34
N TYR D 199 37.93 49.27 19.05
CA TYR D 199 36.56 48.74 19.24
C TYR D 199 36.65 47.47 20.09
N SER D 200 35.63 47.23 20.91
CA SER D 200 35.54 46.06 21.81
C SER D 200 34.24 45.29 21.60
N CYS D 201 34.34 43.97 21.67
CA CYS D 201 33.22 43.02 21.83
C CYS D 201 33.26 42.51 23.28
N GLN D 202 32.24 42.84 24.08
CA GLN D 202 32.07 42.34 25.48
C GLN D 202 30.95 41.28 25.49
N VAL D 203 31.28 40.09 25.97
CA VAL D 203 30.32 38.94 26.06
C VAL D 203 30.11 38.62 27.54
N THR D 204 28.87 38.76 28.03
CA THR D 204 28.48 38.45 29.43
C THR D 204 27.78 37.10 29.45
N HIS D 205 28.21 36.22 30.35
CA HIS D 205 27.70 34.84 30.50
C HIS D 205 27.61 34.52 31.98
N GLU D 206 26.38 34.29 32.47
CA GLU D 206 26.06 34.12 33.90
C GLU D 206 26.60 35.37 34.62
N GLY D 207 27.65 35.27 35.44
CA GLY D 207 28.17 36.41 36.23
C GLY D 207 29.18 37.26 35.47
N SER D 208 29.93 36.66 34.54
CA SER D 208 31.26 37.16 34.07
C SER D 208 31.17 37.77 32.67
N THR D 209 31.96 38.84 32.45
CA THR D 209 32.20 39.46 31.11
C THR D 209 33.58 39.06 30.61
N VAL D 210 33.63 38.54 29.38
CA VAL D 210 34.87 38.28 28.58
C VAL D 210 34.92 39.32 27.46
N GLU D 211 35.99 40.10 27.39
CA GLU D 211 36.13 41.25 26.47
C GLU D 211 37.31 41.01 25.52
N LYS D 212 37.15 41.35 24.25
CA LYS D 212 38.25 41.41 23.25
C LYS D 212 38.22 42.78 22.58
N THR D 213 39.40 43.31 22.24
CA THR D 213 39.60 44.67 21.67
C THR D 213 40.43 44.53 20.39
N VAL D 214 40.11 45.31 19.36
CA VAL D 214 40.93 45.42 18.12
C VAL D 214 41.13 46.91 17.81
N ALA D 215 42.21 47.25 17.12
CA ALA D 215 42.57 48.62 16.74
C ALA D 215 42.93 48.67 15.26
N PRO D 216 42.82 49.85 14.60
CA PRO D 216 43.29 50.05 13.24
C PRO D 216 44.77 49.75 12.98
N THR D 217 45.66 50.09 13.92
CA THR D 217 47.14 49.91 13.85
C THR D 217 47.74 50.82 12.76
C ACT E . -16.61 3.42 5.21
O ACT E . -16.10 2.31 4.98
OXT ACT E . -16.23 4.49 4.70
CH3 ACT E . -17.79 3.48 6.19
H1 ACT E . -17.95 4.40 6.45
H2 ACT E . -17.59 2.95 6.97
H3 ACT E . -18.58 3.13 5.76
C ACT F . -34.63 -61.63 -3.08
O ACT F . -33.62 -61.81 -2.37
OXT ACT F . -34.57 -61.17 -4.25
CH3 ACT F . -36.00 -61.99 -2.51
H1 ACT F . -35.90 -62.37 -1.62
H2 ACT F . -36.44 -62.63 -3.09
H3 ACT F . -36.55 -61.19 -2.46
CL CL G . -0.44 -7.48 0.78
C ACT H . -5.57 15.35 -6.94
O ACT H . -4.87 14.77 -6.09
OXT ACT H . -5.36 15.27 -8.18
CH3 ACT H . -6.75 16.18 -6.47
H1 ACT H . -6.69 16.31 -5.51
H2 ACT H . -7.58 15.73 -6.68
H3 ACT H . -6.74 17.04 -6.90
C ACT I . 12.40 -5.06 1.68
O ACT I . 11.82 -6.10 1.34
OXT ACT I . 11.83 -4.11 2.26
CH3 ACT I . 13.88 -4.91 1.35
H1 ACT I . 14.26 -4.17 1.85
H2 ACT I . 14.00 -4.75 0.40
H3 ACT I . 14.35 -5.74 1.60
CL CL J . 7.31 1.70 -0.47
#